data_4HL7
#
_entry.id   4HL7
#
_cell.length_a   83.420
_cell.length_b   147.640
_cell.length_c   74.770
_cell.angle_alpha   90.00
_cell.angle_beta   90.00
_cell.angle_gamma   90.00
#
_symmetry.space_group_name_H-M   'P 21 21 2'
#
loop_
_entity.id
_entity.type
_entity.pdbx_description
1 polymer 'Nicotinate phosphoribosyltransferase'
2 non-polymer 'SULFATE ION'
3 water water
#
_entity_poly.entity_id   1
_entity_poly.type   'polypeptide(L)'
_entity_poly.pdbx_seq_one_letter_code
;(MSE)SLNPRLFSPHIIRSLLDLDAYKIN(MSE)(MSE)QAIHHFYPDVSVRYELIVRSEEDASGLLDAIRQEIAHLGTL
RFSDADIHYLTQHAPHLKATFLQSLRYFHFVPQEQVE(MSE)GIVKQGGKQQLRISIRGSWRDTILYETLV(MSE)AIVS
EVRSRQRWAEVPADLPLKVLKTKLDQLKAEIERRGINNFSLTE(MSE)GTRRRFSSQVQRDVLACLKQEIPQWVLGTSNY
HFAREFDLKPIGTIAHEWF(MSE)GHQALVNERDSQQVALERWLTAFDG(MSE)LAIAPTDTLTIDAFLNDFNRHLANAY
DGVRHDSGCPFRWGDK(MSE)IAHYQQLGIDPTTKLFIFSDGLDFDQALELCEYFAGRVKISFGIGTFLTNDLANWRNAA
GVEYRPLSIVIKLAECQGRPVAKISDQPEKA(MSE)CEDPIFLANLKRRFNIELDVDALIQELRHQKRSPRHYISAAAEG
HHHHHH
;
_entity_poly.pdbx_strand_id   A,B
#
loop_
_chem_comp.id
_chem_comp.type
_chem_comp.name
_chem_comp.formula
SO4 non-polymer 'SULFATE ION' 'O4 S -2'
#
# COMPACT_ATOMS: atom_id res chain seq x y z
N LEU A 3 42.08 -30.01 7.94
CA LEU A 3 41.20 -29.44 6.87
C LEU A 3 41.94 -28.46 5.96
N ASN A 4 41.61 -28.51 4.67
CA ASN A 4 42.21 -27.68 3.61
C ASN A 4 41.68 -26.25 3.72
N PRO A 5 42.58 -25.26 4.01
CA PRO A 5 42.15 -23.86 4.22
C PRO A 5 41.59 -23.17 2.95
N ARG A 6 41.79 -23.76 1.78
CA ARG A 6 41.17 -23.24 0.56
C ARG A 6 39.73 -23.73 0.36
N LEU A 7 39.35 -24.81 1.04
CA LEU A 7 37.99 -25.31 1.00
C LEU A 7 37.20 -24.84 2.22
N PHE A 8 37.87 -24.74 3.36
CA PHE A 8 37.18 -24.45 4.64
C PHE A 8 37.93 -23.35 5.39
N SER A 9 37.25 -22.27 5.77
CA SER A 9 37.88 -21.28 6.68
C SER A 9 37.86 -21.82 8.13
N PRO A 10 38.56 -21.11 9.05
CA PRO A 10 38.53 -21.64 10.40
C PRO A 10 37.14 -21.65 11.01
N HIS A 11 36.32 -20.68 10.63
CA HIS A 11 34.97 -20.55 11.21
C HIS A 11 33.93 -20.90 10.16
N ILE A 12 32.94 -21.71 10.56
CA ILE A 12 31.79 -22.09 9.69
C ILE A 12 30.89 -20.84 9.57
N ILE A 13 30.41 -20.34 10.68
CA ILE A 13 29.58 -19.15 10.69
C ILE A 13 30.47 -17.91 10.90
N ARG A 14 30.35 -16.93 10.03
CA ARG A 14 31.37 -15.87 9.99
C ARG A 14 31.03 -14.71 10.95
N SER A 15 29.76 -14.53 11.23
CA SER A 15 29.23 -13.43 12.10
C SER A 15 27.74 -13.63 12.19
N LEU A 16 27.04 -12.84 13.02
CA LEU A 16 25.58 -12.99 13.08
C LEU A 16 24.90 -12.29 11.90
N LEU A 17 25.72 -11.73 10.98
CA LEU A 17 25.17 -11.25 9.69
C LEU A 17 25.30 -12.33 8.56
N ASP A 18 26.02 -13.42 8.89
CA ASP A 18 26.20 -14.53 7.95
C ASP A 18 24.98 -15.42 7.88
N LEU A 19 23.90 -14.86 7.30
CA LEU A 19 22.60 -15.49 7.25
C LEU A 19 21.78 -14.75 6.20
N ASP A 20 20.59 -15.29 5.87
CA ASP A 20 19.73 -14.57 4.88
C ASP A 20 19.17 -13.32 5.52
N ALA A 21 19.26 -12.19 4.81
CA ALA A 21 18.90 -10.91 5.32
C ALA A 21 17.47 -10.88 5.75
N TYR A 22 16.61 -11.63 5.05
CA TYR A 22 15.17 -11.56 5.40
C TYR A 22 14.88 -12.12 6.82
N LYS A 23 15.83 -12.88 7.41
CA LYS A 23 15.65 -13.40 8.76
C LYS A 23 15.74 -12.28 9.77
N ILE A 24 16.74 -11.42 9.60
CA ILE A 24 16.84 -10.22 10.45
C ILE A 24 15.68 -9.28 10.18
N ASN A 25 15.35 -9.11 8.90
CA ASN A 25 14.27 -8.23 8.61
C ASN A 25 12.95 -8.69 9.23
N MSE A 26 12.62 -9.98 9.08
CA MSE A 26 11.42 -10.52 9.67
C MSE A 26 11.55 -10.48 11.18
O MSE A 26 10.56 -10.25 11.87
CB MSE A 26 11.24 -11.95 9.15
CG MSE A 26 9.88 -12.48 9.41
SE MSE A 26 9.84 -14.13 8.31
CE MSE A 26 10.48 -13.97 6.82
N MSE A 27 12.76 -10.60 11.71
CA MSE A 27 12.88 -10.46 13.18
C MSE A 27 12.42 -9.09 13.66
O MSE A 27 11.83 -8.94 14.74
CB MSE A 27 14.36 -10.67 13.56
CG MSE A 27 14.50 -10.70 15.11
SE MSE A 27 16.43 -10.96 15.44
CE MSE A 27 16.59 -10.85 17.39
N GLN A 28 12.71 -8.04 12.88
CA GLN A 28 12.16 -6.72 13.21
C GLN A 28 10.65 -6.71 13.24
N ALA A 29 10.01 -7.34 12.25
CA ALA A 29 8.55 -7.28 12.19
C ALA A 29 7.93 -8.06 13.34
N ILE A 30 8.59 -9.15 13.69
CA ILE A 30 8.12 -10.03 14.82
C ILE A 30 8.37 -9.26 16.14
N HIS A 31 9.52 -8.60 16.24
CA HIS A 31 9.84 -7.76 17.43
C HIS A 31 8.75 -6.72 17.66
N HIS A 32 8.29 -6.13 16.57
CA HIS A 32 7.33 -5.05 16.64
C HIS A 32 5.95 -5.54 16.99
N PHE A 33 5.46 -6.58 16.32
CA PHE A 33 4.03 -7.00 16.42
C PHE A 33 3.80 -8.17 17.40
N TYR A 34 4.81 -9.03 17.53
CA TYR A 34 4.62 -10.37 18.12
C TYR A 34 5.74 -10.72 19.09
N PRO A 35 6.05 -9.80 19.98
CA PRO A 35 7.17 -10.05 20.92
C PRO A 35 7.00 -11.25 21.88
N ASP A 36 5.78 -11.68 22.15
CA ASP A 36 5.53 -12.82 23.06
C ASP A 36 5.00 -14.07 22.33
N VAL A 37 5.05 -14.06 21.00
CA VAL A 37 4.61 -15.27 20.27
C VAL A 37 5.70 -16.33 20.30
N SER A 38 5.33 -17.61 20.53
CA SER A 38 6.33 -18.69 20.52
C SER A 38 6.19 -19.54 19.25
N VAL A 39 7.22 -20.31 18.92
CA VAL A 39 7.18 -21.15 17.71
C VAL A 39 7.97 -22.42 17.94
N ARG A 40 7.79 -23.38 17.02
CA ARG A 40 8.64 -24.57 16.97
C ARG A 40 8.98 -24.82 15.52
N TYR A 41 10.27 -24.97 15.23
CA TYR A 41 10.73 -25.38 13.87
C TYR A 41 11.23 -26.78 13.92
N GLU A 42 11.15 -27.47 12.77
CA GLU A 42 11.65 -28.84 12.70
C GLU A 42 12.53 -28.99 11.49
N LEU A 43 13.72 -29.56 11.68
CA LEU A 43 14.58 -29.78 10.55
C LEU A 43 14.82 -31.24 10.43
N ILE A 44 14.90 -31.71 9.19
CA ILE A 44 15.20 -33.12 9.00
C ILE A 44 16.31 -33.23 7.96
N VAL A 45 17.33 -34.00 8.32
CA VAL A 45 18.40 -34.33 7.41
C VAL A 45 18.16 -35.76 6.96
N ARG A 46 18.03 -35.95 5.65
CA ARG A 46 17.77 -37.30 5.07
C ARG A 46 18.98 -37.85 4.28
N SER A 47 18.97 -39.17 4.04
CA SER A 47 19.84 -39.81 3.03
C SER A 47 21.32 -39.62 3.33
N GLU A 48 21.68 -39.74 4.60
CA GLU A 48 23.09 -39.80 4.98
C GLU A 48 23.35 -40.89 6.02
N GLU A 49 24.02 -41.96 5.57
CA GLU A 49 24.18 -43.20 6.32
C GLU A 49 25.10 -42.98 7.54
N ASP A 50 24.69 -43.50 8.70
CA ASP A 50 25.37 -43.23 9.98
C ASP A 50 25.44 -41.70 10.29
N ALA A 51 24.28 -41.04 10.31
CA ALA A 51 24.20 -39.63 10.72
C ALA A 51 24.60 -39.48 12.18
N SER A 52 24.59 -40.58 12.91
CA SER A 52 25.14 -40.64 14.27
C SER A 52 26.45 -39.86 14.36
N GLY A 53 27.26 -39.97 13.31
CA GLY A 53 28.59 -39.36 13.24
C GLY A 53 28.62 -37.85 12.97
N LEU A 54 27.61 -37.28 12.30
CA LEU A 54 27.61 -35.82 12.12
C LEU A 54 27.16 -35.10 13.38
N LEU A 55 26.36 -35.82 14.17
CA LEU A 55 25.68 -35.23 15.30
C LEU A 55 26.66 -34.60 16.30
N ASP A 56 27.85 -35.22 16.56
CA ASP A 56 28.85 -34.63 17.52
C ASP A 56 29.35 -33.22 17.17
N ALA A 57 29.85 -33.05 15.93
CA ALA A 57 30.36 -31.75 15.49
C ALA A 57 29.24 -30.74 15.25
N ILE A 58 28.08 -31.21 14.87
CA ILE A 58 26.97 -30.29 14.76
C ILE A 58 26.65 -29.72 16.14
N ARG A 59 26.67 -30.58 17.16
CA ARG A 59 26.31 -30.12 18.53
C ARG A 59 27.26 -29.05 18.95
N GLN A 60 28.52 -29.25 18.63
CA GLN A 60 29.54 -28.35 19.08
C GLN A 60 29.35 -26.98 18.43
N GLU A 61 29.06 -27.00 17.13
CA GLU A 61 28.86 -25.77 16.36
C GLU A 61 27.66 -25.04 16.78
N ILE A 62 26.57 -25.79 17.08
CA ILE A 62 25.31 -25.17 17.46
C ILE A 62 25.51 -24.54 18.81
N ALA A 63 26.19 -25.26 19.71
CA ALA A 63 26.52 -24.69 21.03
C ALA A 63 27.31 -23.41 20.90
N HIS A 64 28.26 -23.43 19.99
CA HIS A 64 28.99 -22.24 19.66
C HIS A 64 28.18 -21.00 19.25
N LEU A 65 26.99 -21.17 18.63
CA LEU A 65 26.11 -20.01 18.37
C LEU A 65 25.85 -19.15 19.63
N GLY A 66 25.80 -19.81 20.81
CA GLY A 66 25.49 -19.17 22.07
C GLY A 66 26.56 -18.15 22.44
N THR A 67 27.72 -18.21 21.78
CA THR A 67 28.81 -17.27 22.09
C THR A 67 28.88 -16.06 21.14
N LEU A 68 28.08 -16.11 20.08
CA LEU A 68 28.12 -15.04 19.07
C LEU A 68 27.38 -13.82 19.54
N ARG A 69 27.84 -12.66 19.07
CA ARG A 69 27.14 -11.40 19.45
C ARG A 69 27.07 -10.51 18.24
N PHE A 70 26.12 -9.57 18.22
CA PHE A 70 26.23 -8.48 17.20
C PHE A 70 27.27 -7.48 17.68
N SER A 71 28.22 -7.11 16.82
CA SER A 71 29.27 -6.13 17.17
C SER A 71 28.75 -4.75 16.84
N ASP A 72 29.40 -3.70 17.33
CA ASP A 72 28.93 -2.35 16.98
C ASP A 72 29.07 -2.14 15.49
N ALA A 73 30.09 -2.73 14.89
CA ALA A 73 30.28 -2.67 13.48
C ALA A 73 29.18 -3.37 12.69
N ASP A 74 28.65 -4.49 13.20
CA ASP A 74 27.52 -5.14 12.54
C ASP A 74 26.34 -4.20 12.58
N ILE A 75 26.12 -3.59 13.72
CA ILE A 75 24.96 -2.71 13.92
C ILE A 75 25.07 -1.44 13.04
N HIS A 76 26.28 -0.88 13.01
CA HIS A 76 26.60 0.28 12.14
C HIS A 76 26.32 -0.10 10.70
N TYR A 77 26.70 -1.31 10.30
CA TYR A 77 26.44 -1.76 8.93
C TYR A 77 24.93 -1.78 8.64
N LEU A 78 24.13 -2.35 9.53
CA LEU A 78 22.71 -2.38 9.28
C LEU A 78 22.08 -0.97 9.33
N THR A 79 22.58 -0.13 10.23
CA THR A 79 22.07 1.23 10.28
C THR A 79 22.13 1.92 8.91
N GLN A 80 23.29 1.84 8.26
CA GLN A 80 23.57 2.46 6.96
C GLN A 80 22.93 1.72 5.79
N HIS A 81 23.10 0.40 5.76
CA HIS A 81 22.74 -0.37 4.58
C HIS A 81 21.40 -1.06 4.62
N ALA A 82 20.76 -1.01 5.78
CA ALA A 82 19.40 -1.54 5.99
C ALA A 82 18.58 -0.47 6.74
N PRO A 83 18.38 0.67 6.06
CA PRO A 83 17.75 1.85 6.64
C PRO A 83 16.28 1.68 7.06
N HIS A 84 15.63 0.63 6.57
CA HIS A 84 14.26 0.34 7.02
C HIS A 84 14.14 -0.42 8.33
N LEU A 85 15.29 -0.87 8.87
CA LEU A 85 15.35 -1.35 10.25
C LEU A 85 15.26 -0.18 11.28
N LYS A 86 14.41 -0.34 12.27
CA LYS A 86 14.14 0.76 13.21
C LYS A 86 15.35 0.87 14.18
N ALA A 87 15.78 2.10 14.48
CA ALA A 87 16.85 2.31 15.48
C ALA A 87 16.59 1.57 16.83
N THR A 88 15.35 1.57 17.31
CA THR A 88 14.99 0.87 18.56
C THR A 88 15.24 -0.62 18.44
N PHE A 89 14.89 -1.19 17.30
CA PHE A 89 15.17 -2.63 17.09
C PHE A 89 16.68 -2.88 17.04
N LEU A 90 17.43 -2.04 16.31
CA LEU A 90 18.86 -2.29 16.20
C LEU A 90 19.54 -2.14 17.56
N GLN A 91 19.08 -1.16 18.36
CA GLN A 91 19.64 -1.02 19.73
C GLN A 91 19.41 -2.29 20.59
N SER A 92 18.26 -2.92 20.43
CA SER A 92 17.96 -4.18 21.14
C SER A 92 18.91 -5.33 20.72
N LEU A 93 19.40 -5.32 19.47
CA LEU A 93 20.42 -6.35 19.01
C LEU A 93 21.74 -6.32 19.76
N ARG A 94 22.05 -5.15 20.32
CA ARG A 94 23.30 -4.93 21.07
C ARG A 94 23.46 -5.85 22.27
N TYR A 95 22.34 -6.31 22.84
CA TYR A 95 22.37 -7.26 23.91
C TYR A 95 21.92 -8.67 23.47
N PHE A 96 21.48 -8.85 22.23
CA PHE A 96 20.85 -10.15 21.87
C PHE A 96 21.87 -11.30 21.79
N HIS A 97 21.50 -12.46 22.35
CA HIS A 97 22.16 -13.70 21.98
C HIS A 97 21.28 -14.92 22.09
N PHE A 98 21.71 -16.00 21.45
CA PHE A 98 21.00 -17.28 21.48
C PHE A 98 21.21 -17.98 22.83
N VAL A 99 20.25 -18.81 23.23
CA VAL A 99 20.44 -19.76 24.35
C VAL A 99 20.23 -21.21 23.85
N PRO A 100 21.20 -21.76 23.09
CA PRO A 100 20.88 -23.02 22.38
C PRO A 100 20.59 -24.19 23.30
N GLN A 101 21.14 -24.20 24.52
CA GLN A 101 20.84 -25.32 25.40
C GLN A 101 19.38 -25.30 25.88
N GLU A 102 18.69 -24.16 25.72
CA GLU A 102 17.27 -24.07 26.02
C GLU A 102 16.41 -24.21 24.75
N GLN A 103 16.96 -23.84 23.61
CA GLN A 103 16.15 -23.65 22.38
C GLN A 103 16.31 -24.77 21.38
N VAL A 104 17.40 -25.51 21.45
CA VAL A 104 17.67 -26.49 20.40
C VAL A 104 17.75 -27.89 21.00
N GLU A 105 17.01 -28.84 20.42
CA GLU A 105 17.16 -30.28 20.73
C GLU A 105 17.53 -31.01 19.47
N MSE A 106 18.31 -32.07 19.58
CA MSE A 106 18.54 -32.88 18.40
C MSE A 106 18.81 -34.28 18.77
O MSE A 106 19.16 -34.55 19.91
CB MSE A 106 19.71 -32.30 17.65
CG MSE A 106 20.98 -32.24 18.50
SE MSE A 106 22.24 -31.19 17.38
CE MSE A 106 22.13 -29.46 18.31
N GLY A 107 18.59 -35.17 17.81
CA GLY A 107 18.80 -36.62 18.03
C GLY A 107 18.64 -37.39 16.73
N ILE A 108 18.81 -38.71 16.82
CA ILE A 108 18.63 -39.59 15.68
C ILE A 108 17.28 -40.27 15.82
N VAL A 109 16.44 -40.23 14.81
CA VAL A 109 15.21 -41.02 14.83
C VAL A 109 15.27 -42.13 13.80
N LYS A 110 14.85 -43.33 14.24
CA LYS A 110 14.90 -44.55 13.43
C LYS A 110 13.50 -45.11 13.19
N GLN A 115 17.23 -44.39 10.00
CA GLN A 115 17.98 -43.29 10.62
C GLN A 115 17.81 -41.99 9.88
N GLN A 116 17.38 -40.94 10.60
CA GLN A 116 17.60 -39.54 10.19
C GLN A 116 17.99 -38.68 11.39
N LEU A 117 18.59 -37.54 11.10
CA LEU A 117 18.96 -36.59 12.12
C LEU A 117 17.82 -35.57 12.26
N ARG A 118 17.28 -35.44 13.46
CA ARG A 118 16.21 -34.46 13.70
C ARG A 118 16.70 -33.33 14.61
N ILE A 119 16.40 -32.08 14.21
CA ILE A 119 16.71 -30.96 15.07
C ILE A 119 15.41 -30.18 15.28
N SER A 120 15.11 -29.86 16.54
CA SER A 120 13.86 -29.14 16.91
C SER A 120 14.25 -27.83 17.58
N ILE A 121 13.68 -26.73 17.13
CA ILE A 121 14.08 -25.42 17.68
C ILE A 121 12.81 -24.80 18.27
N ARG A 122 12.84 -24.44 19.56
CA ARG A 122 11.65 -23.94 20.26
C ARG A 122 11.98 -22.67 21.05
N GLY A 123 11.07 -21.68 21.06
CA GLY A 123 11.27 -20.47 21.89
C GLY A 123 10.40 -19.38 21.36
N SER A 124 10.70 -18.14 21.76
CA SER A 124 9.98 -17.03 21.12
C SER A 124 10.34 -16.98 19.65
N TRP A 125 9.40 -16.54 18.86
CA TRP A 125 9.64 -16.34 17.43
C TRP A 125 10.76 -15.36 17.20
N ARG A 126 10.77 -14.24 17.97
CA ARG A 126 11.85 -13.25 17.80
C ARG A 126 13.25 -13.86 18.14
N ASP A 127 13.34 -14.67 19.15
CA ASP A 127 14.62 -15.18 19.61
C ASP A 127 15.14 -16.42 18.87
N THR A 128 14.26 -17.03 18.09
CA THR A 128 14.63 -18.29 17.37
C THR A 128 14.67 -18.12 15.86
N ILE A 129 14.10 -17.02 15.35
CA ILE A 129 13.98 -16.88 13.89
C ILE A 129 15.36 -16.89 13.18
N LEU A 130 16.40 -16.38 13.84
CA LEU A 130 17.71 -16.38 13.20
C LEU A 130 18.40 -17.74 13.07
N TYR A 131 17.95 -18.75 13.80
CA TYR A 131 18.63 -20.06 13.78
C TYR A 131 18.66 -20.67 12.40
N GLU A 132 17.52 -20.62 11.70
CA GLU A 132 17.31 -21.44 10.50
C GLU A 132 18.50 -21.56 9.58
N THR A 133 19.01 -20.45 9.04
CA THR A 133 20.07 -20.57 8.02
C THR A 133 21.40 -20.87 8.68
N LEU A 134 21.57 -20.46 9.95
CA LEU A 134 22.83 -20.76 10.65
C LEU A 134 22.91 -22.28 10.86
N VAL A 135 21.80 -22.87 11.31
CA VAL A 135 21.79 -24.31 11.55
C VAL A 135 21.95 -25.04 10.21
N MSE A 136 21.26 -24.59 9.17
CA MSE A 136 21.38 -25.31 7.84
C MSE A 136 22.78 -25.24 7.35
O MSE A 136 23.32 -26.24 6.92
CB MSE A 136 20.35 -24.75 6.84
CG MSE A 136 19.00 -25.18 7.34
SE MSE A 136 17.66 -24.30 6.18
CE MSE A 136 17.98 -25.37 4.54
N ALA A 137 23.45 -24.06 7.50
CA ALA A 137 24.85 -23.85 7.02
C ALA A 137 25.85 -24.69 7.77
N ILE A 138 25.56 -24.83 9.06
CA ILE A 138 26.40 -25.63 9.93
C ILE A 138 26.26 -27.11 9.53
N VAL A 139 25.03 -27.61 9.43
CA VAL A 139 24.86 -29.03 9.06
C VAL A 139 25.48 -29.33 7.69
N SER A 140 25.21 -28.47 6.71
CA SER A 140 25.89 -28.57 5.41
C SER A 140 27.39 -28.65 5.47
N GLU A 141 28.01 -27.66 6.13
CA GLU A 141 29.46 -27.59 6.18
C GLU A 141 30.15 -28.67 7.04
N VAL A 142 29.55 -29.05 8.17
CA VAL A 142 30.06 -30.17 8.94
C VAL A 142 30.13 -31.42 8.09
N ARG A 143 29.07 -31.65 7.31
CA ARG A 143 29.04 -32.79 6.42
C ARG A 143 30.16 -32.70 5.36
N SER A 144 30.35 -31.52 4.78
CA SER A 144 31.47 -31.30 3.89
C SER A 144 32.80 -31.63 4.53
N ARG A 145 33.06 -31.05 5.71
CA ARG A 145 34.32 -31.31 6.45
C ARG A 145 34.52 -32.76 6.78
N GLN A 146 33.45 -33.45 7.15
CA GLN A 146 33.59 -34.81 7.64
C GLN A 146 33.66 -35.83 6.51
N ARG A 147 32.92 -35.55 5.44
CA ARG A 147 32.70 -36.55 4.37
C ARG A 147 33.25 -36.17 3.00
N TRP A 148 33.61 -34.90 2.78
CA TRP A 148 34.04 -34.44 1.46
C TRP A 148 35.24 -33.59 1.55
N ALA A 149 36.08 -33.90 2.54
CA ALA A 149 37.23 -33.08 2.86
C ALA A 149 38.30 -33.14 1.76
N GLU A 150 38.28 -34.21 0.95
CA GLU A 150 39.33 -34.36 -0.07
C GLU A 150 38.99 -33.71 -1.46
N VAL A 151 37.84 -33.07 -1.55
CA VAL A 151 37.50 -32.37 -2.79
C VAL A 151 38.65 -31.44 -3.18
N PRO A 152 39.11 -31.48 -4.45
CA PRO A 152 40.18 -30.52 -4.84
C PRO A 152 39.76 -29.06 -4.58
N ALA A 153 40.63 -28.30 -3.91
CA ALA A 153 40.20 -26.96 -3.45
C ALA A 153 39.87 -26.01 -4.62
N ASP A 154 40.45 -26.24 -5.80
CA ASP A 154 40.10 -25.37 -6.92
C ASP A 154 38.89 -25.82 -7.74
N LEU A 155 38.32 -26.97 -7.41
CA LEU A 155 37.15 -27.48 -8.18
C LEU A 155 35.92 -26.57 -8.17
N PRO A 156 35.48 -26.07 -6.98
CA PRO A 156 34.25 -25.30 -7.02
C PRO A 156 34.38 -24.09 -7.95
N LEU A 157 35.52 -23.39 -7.94
CA LEU A 157 35.62 -22.24 -8.82
C LEU A 157 35.82 -22.65 -10.30
N LYS A 158 36.45 -23.79 -10.56
CA LYS A 158 36.60 -24.24 -11.96
C LYS A 158 35.21 -24.48 -12.53
N VAL A 159 34.34 -25.08 -11.70
CA VAL A 159 33.01 -25.44 -12.15
C VAL A 159 32.23 -24.16 -12.44
N LEU A 160 32.35 -23.19 -11.52
CA LEU A 160 31.60 -21.94 -11.71
C LEU A 160 32.11 -21.20 -12.96
N LYS A 161 33.44 -21.17 -13.13
CA LYS A 161 34.02 -20.45 -14.27
C LYS A 161 33.51 -20.98 -15.62
N THR A 162 33.40 -22.31 -15.73
CA THR A 162 32.89 -22.96 -16.94
C THR A 162 31.42 -22.57 -17.18
N LYS A 163 30.60 -22.58 -16.13
CA LYS A 163 29.21 -22.17 -16.26
C LYS A 163 29.12 -20.69 -16.67
N LEU A 164 29.94 -19.86 -16.05
CA LEU A 164 29.90 -18.44 -16.42
C LEU A 164 30.31 -18.16 -17.88
N ASP A 165 31.36 -18.82 -18.38
CA ASP A 165 31.68 -18.81 -19.82
C ASP A 165 30.46 -19.15 -20.67
N GLN A 166 29.78 -20.25 -20.36
CA GLN A 166 28.65 -20.70 -21.19
C GLN A 166 27.43 -19.81 -21.09
N LEU A 167 27.20 -19.28 -19.90
CA LEU A 167 26.18 -18.25 -19.70
C LEU A 167 26.43 -17.00 -20.59
N LYS A 168 27.63 -16.42 -20.48
CA LYS A 168 28.01 -15.23 -21.29
C LYS A 168 27.81 -15.50 -22.81
N ALA A 169 28.25 -16.69 -23.23
CA ALA A 169 28.21 -17.10 -24.61
C ALA A 169 26.77 -17.16 -25.12
N GLU A 170 25.89 -17.77 -24.33
CA GLU A 170 24.47 -17.84 -24.65
C GLU A 170 23.75 -16.51 -24.58
N ILE A 171 24.15 -15.65 -23.64
CA ILE A 171 23.59 -14.30 -23.55
C ILE A 171 23.91 -13.47 -24.81
N GLU A 172 25.16 -13.57 -25.26
CA GLU A 172 25.60 -12.88 -26.49
C GLU A 172 24.87 -13.44 -27.69
N ARG A 173 24.88 -14.77 -27.84
CA ARG A 173 24.25 -15.41 -29.00
C ARG A 173 22.77 -15.09 -29.16
N ARG A 174 22.03 -15.05 -28.06
CA ARG A 174 20.60 -14.92 -28.10
C ARG A 174 20.18 -13.49 -27.86
N GLY A 175 21.14 -12.61 -27.63
CA GLY A 175 20.84 -11.18 -27.47
C GLY A 175 19.96 -10.89 -26.25
N ILE A 176 20.22 -11.62 -25.16
CA ILE A 176 19.45 -11.49 -23.91
C ILE A 176 19.95 -10.26 -23.11
N ASN A 177 19.04 -9.36 -22.76
CA ASN A 177 19.50 -8.16 -22.07
C ASN A 177 18.87 -8.02 -20.68
N ASN A 178 18.20 -9.07 -20.21
CA ASN A 178 17.44 -9.03 -18.93
C ASN A 178 17.87 -10.11 -17.92
N PHE A 179 19.07 -10.70 -18.12
CA PHE A 179 19.54 -11.66 -17.11
C PHE A 179 19.95 -10.89 -15.83
N SER A 180 19.45 -11.33 -14.69
CA SER A 180 19.75 -10.70 -13.39
C SER A 180 19.83 -11.83 -12.33
N LEU A 181 20.84 -11.79 -11.47
CA LEU A 181 21.13 -12.91 -10.57
C LEU A 181 21.09 -12.38 -9.13
N THR A 182 20.32 -13.04 -8.26
CA THR A 182 20.37 -12.73 -6.84
C THR A 182 20.95 -13.96 -6.13
N GLU A 183 22.08 -13.79 -5.49
CA GLU A 183 22.69 -14.97 -4.88
C GLU A 183 21.95 -15.33 -3.58
N MSE A 184 21.61 -16.61 -3.39
CA MSE A 184 20.76 -17.00 -2.25
C MSE A 184 21.24 -18.34 -1.79
O MSE A 184 20.45 -19.17 -1.37
CB MSE A 184 19.25 -17.09 -2.59
CG MSE A 184 18.62 -15.74 -2.85
SE MSE A 184 16.67 -16.16 -3.14
CE MSE A 184 16.36 -14.31 -3.49
N GLY A 185 22.53 -18.61 -1.87
CA GLY A 185 23.01 -19.92 -1.50
C GLY A 185 23.64 -20.07 -0.14
N THR A 186 23.27 -19.24 0.81
CA THR A 186 23.84 -19.40 2.14
C THR A 186 23.41 -20.74 2.85
N ARG A 187 22.09 -21.00 2.86
CA ARG A 187 21.54 -22.12 3.65
C ARG A 187 22.04 -23.48 3.24
N ARG A 188 22.42 -23.63 1.96
CA ARG A 188 22.96 -24.97 1.57
C ARG A 188 24.33 -24.91 0.93
N ARG A 189 25.13 -23.95 1.37
CA ARG A 189 26.49 -23.84 0.81
C ARG A 189 27.33 -25.05 1.16
N PHE A 190 28.32 -25.34 0.31
CA PHE A 190 29.27 -26.40 0.63
C PHE A 190 30.05 -26.00 1.92
N SER A 191 30.43 -24.71 2.01
CA SER A 191 31.17 -24.15 3.12
C SER A 191 31.08 -22.63 3.00
N SER A 192 31.32 -21.91 4.10
CA SER A 192 31.32 -20.43 4.01
C SER A 192 32.47 -19.94 3.07
N GLN A 193 33.61 -20.64 3.07
CA GLN A 193 34.75 -20.32 2.18
C GLN A 193 34.36 -20.47 0.73
N VAL A 194 33.66 -21.56 0.39
CA VAL A 194 33.21 -21.72 -0.98
C VAL A 194 32.22 -20.66 -1.38
N GLN A 195 31.27 -20.32 -0.50
CA GLN A 195 30.33 -19.24 -0.83
C GLN A 195 31.10 -17.93 -1.01
N ARG A 196 32.05 -17.70 -0.10
CA ARG A 196 32.85 -16.46 -0.16
C ARG A 196 33.51 -16.32 -1.55
N ASP A 197 34.18 -17.38 -2.00
CA ASP A 197 34.90 -17.36 -3.28
C ASP A 197 33.93 -17.25 -4.47
N VAL A 198 32.79 -17.92 -4.36
CA VAL A 198 31.77 -17.86 -5.38
C VAL A 198 31.26 -16.44 -5.57
N LEU A 199 30.99 -15.76 -4.48
CA LEU A 199 30.53 -14.39 -4.58
C LEU A 199 31.64 -13.48 -5.16
N ALA A 200 32.89 -13.65 -4.67
CA ALA A 200 34.04 -12.91 -5.21
C ALA A 200 34.14 -13.07 -6.73
N CYS A 201 33.93 -14.29 -7.21
CA CYS A 201 34.07 -14.57 -8.64
C CYS A 201 32.93 -13.92 -9.44
N LEU A 202 31.68 -14.08 -8.96
CA LEU A 202 30.53 -13.41 -9.59
C LEU A 202 30.75 -11.91 -9.68
N LYS A 203 31.21 -11.32 -8.60
CA LYS A 203 31.45 -9.91 -8.60
C LYS A 203 32.53 -9.52 -9.65
N GLN A 204 33.58 -10.33 -9.76
CA GLN A 204 34.61 -10.09 -10.73
C GLN A 204 34.20 -10.35 -12.19
N GLU A 205 33.39 -11.37 -12.44
CA GLU A 205 33.10 -11.84 -13.77
C GLU A 205 31.84 -11.24 -14.38
N ILE A 206 30.77 -11.09 -13.57
CA ILE A 206 29.46 -10.66 -14.14
C ILE A 206 28.81 -9.58 -13.27
N PRO A 207 29.61 -8.58 -12.84
CA PRO A 207 29.07 -7.55 -11.93
C PRO A 207 27.79 -6.88 -12.47
N GLN A 208 27.70 -6.77 -13.78
CA GLN A 208 26.61 -6.06 -14.41
C GLN A 208 25.31 -6.82 -14.29
N TRP A 209 25.39 -8.12 -13.98
CA TRP A 209 24.22 -8.94 -13.83
C TRP A 209 23.89 -9.37 -12.42
N VAL A 210 24.66 -8.94 -11.44
CA VAL A 210 24.40 -9.35 -10.06
C VAL A 210 23.52 -8.28 -9.39
N LEU A 211 22.25 -8.61 -9.10
CA LEU A 211 21.35 -7.68 -8.40
C LEU A 211 21.81 -7.52 -6.95
N GLY A 212 22.24 -8.63 -6.35
CA GLY A 212 22.78 -8.59 -4.97
C GLY A 212 22.86 -10.00 -4.38
N THR A 213 22.85 -10.08 -3.06
CA THR A 213 22.96 -11.38 -2.35
C THR A 213 22.05 -11.31 -1.15
N SER A 214 21.48 -12.46 -0.76
CA SER A 214 20.68 -12.46 0.46
C SER A 214 21.54 -12.44 1.73
N ASN A 215 22.85 -12.71 1.61
CA ASN A 215 23.68 -12.80 2.78
C ASN A 215 24.19 -11.40 3.24
N TYR A 216 23.81 -10.96 4.45
CA TYR A 216 24.22 -9.61 4.94
C TYR A 216 25.74 -9.54 5.07
N HIS A 217 26.33 -10.57 5.66
CA HIS A 217 27.78 -10.58 5.87
C HIS A 217 28.59 -10.40 4.61
N PHE A 218 28.19 -11.11 3.57
CA PHE A 218 28.89 -11.05 2.27
C PHE A 218 28.43 -9.83 1.46
N ALA A 219 27.22 -9.33 1.69
CA ALA A 219 26.80 -8.02 1.12
C ALA A 219 27.77 -6.93 1.63
N ARG A 220 28.05 -6.95 2.92
CA ARG A 220 29.11 -6.09 3.48
C ARG A 220 30.46 -6.29 2.86
N GLU A 221 30.94 -7.53 2.86
CA GLU A 221 32.31 -7.80 2.46
C GLU A 221 32.56 -7.34 1.05
N PHE A 222 31.55 -7.51 0.19
CA PHE A 222 31.77 -7.25 -1.25
C PHE A 222 31.04 -5.99 -1.75
N ASP A 223 30.41 -5.23 -0.84
CA ASP A 223 29.68 -4.02 -1.21
C ASP A 223 28.64 -4.36 -2.26
N LEU A 224 27.83 -5.38 -1.95
CA LEU A 224 26.74 -5.78 -2.80
C LEU A 224 25.49 -5.42 -2.07
N LYS A 225 24.42 -5.25 -2.83
CA LYS A 225 23.13 -4.92 -2.28
C LYS A 225 22.54 -6.17 -1.56
N PRO A 226 22.09 -6.02 -0.27
CA PRO A 226 21.42 -7.15 0.41
C PRO A 226 19.98 -7.23 -0.09
N ILE A 227 19.54 -8.42 -0.52
CA ILE A 227 18.15 -8.66 -0.99
C ILE A 227 17.47 -9.64 -0.02
N GLY A 228 16.26 -9.27 0.44
CA GLY A 228 15.40 -10.16 1.22
C GLY A 228 14.08 -10.37 0.46
N THR A 229 13.51 -11.59 0.47
CA THR A 229 12.09 -11.69 0.15
C THR A 229 11.47 -12.28 1.40
N ILE A 230 10.18 -12.11 1.56
CA ILE A 230 9.52 -12.54 2.80
C ILE A 230 9.40 -14.04 2.72
N ALA A 231 9.72 -14.74 3.79
CA ALA A 231 9.67 -16.21 3.73
C ALA A 231 8.26 -16.68 4.07
N HIS A 232 7.95 -17.93 3.66
CA HIS A 232 6.62 -18.54 3.92
C HIS A 232 6.23 -18.50 5.40
N GLU A 233 7.21 -18.62 6.29
CA GLU A 233 6.89 -18.66 7.74
C GLU A 233 6.16 -17.48 8.26
N TRP A 234 6.34 -16.30 7.63
CA TRP A 234 5.57 -15.14 8.06
C TRP A 234 4.08 -15.38 7.79
N PHE A 235 3.80 -15.92 6.60
CA PHE A 235 2.35 -16.19 6.25
C PHE A 235 1.79 -17.38 7.04
N MSE A 236 2.65 -18.39 7.26
CA MSE A 236 2.20 -19.61 7.98
C MSE A 236 1.94 -19.24 9.43
O MSE A 236 0.93 -19.64 9.98
CB MSE A 236 3.37 -20.64 7.91
CG MSE A 236 3.43 -21.23 6.51
SE MSE A 236 5.19 -22.15 6.33
CE MSE A 236 4.64 -23.77 7.31
N GLY A 237 2.84 -18.45 10.06
CA GLY A 237 2.62 -18.07 11.48
C GLY A 237 1.26 -17.38 11.66
N HIS A 238 0.86 -16.56 10.69
CA HIS A 238 -0.47 -15.90 10.78
C HIS A 238 -1.65 -16.82 10.84
N GLN A 239 -1.48 -18.07 10.43
CA GLN A 239 -2.55 -19.10 10.59
C GLN A 239 -2.89 -19.41 12.03
N ALA A 240 -1.96 -19.12 12.90
CA ALA A 240 -2.15 -19.26 14.33
C ALA A 240 -2.60 -17.94 15.00
N LEU A 241 -2.23 -16.81 14.43
CA LEU A 241 -2.37 -15.52 15.09
C LEU A 241 -3.71 -14.82 14.76
N VAL A 242 -4.27 -15.10 13.58
CA VAL A 242 -5.61 -14.57 13.22
C VAL A 242 -6.46 -15.72 12.73
N ASN A 243 -7.67 -15.45 12.19
CA ASN A 243 -8.40 -16.55 11.66
C ASN A 243 -7.69 -17.10 10.43
N GLU A 244 -7.71 -18.42 10.24
CA GLU A 244 -6.96 -19.02 9.08
C GLU A 244 -7.29 -18.33 7.73
N ARG A 245 -8.58 -18.06 7.52
CA ARG A 245 -8.92 -17.49 6.23
C ARG A 245 -8.33 -16.07 6.01
N ASP A 246 -8.05 -15.33 7.08
CA ASP A 246 -7.49 -13.99 6.98
C ASP A 246 -5.98 -14.00 7.03
N SER A 247 -5.38 -15.17 7.28
CA SER A 247 -3.96 -15.27 7.60
C SER A 247 -3.02 -14.65 6.55
N GLN A 248 -3.24 -14.96 5.27
CA GLN A 248 -2.36 -14.55 4.26
C GLN A 248 -2.55 -13.01 4.00
N GLN A 249 -3.80 -12.57 3.99
CA GLN A 249 -4.05 -11.17 3.81
C GLN A 249 -3.50 -10.30 4.92
N VAL A 250 -3.70 -10.71 6.17
CA VAL A 250 -3.16 -9.95 7.30
C VAL A 250 -1.63 -9.93 7.26
N ALA A 251 -1.02 -11.08 6.90
CA ALA A 251 0.44 -11.13 6.85
C ALA A 251 0.93 -10.17 5.76
N LEU A 252 0.23 -10.13 4.59
CA LEU A 252 0.62 -9.11 3.57
C LEU A 252 0.53 -7.66 4.10
N GLU A 253 -0.57 -7.31 4.75
CA GLU A 253 -0.76 -5.99 5.27
C GLU A 253 0.27 -5.65 6.33
N ARG A 254 0.56 -6.58 7.22
CA ARG A 254 1.39 -6.27 8.38
C ARG A 254 2.86 -6.15 7.98
N TRP A 255 3.28 -6.79 6.89
CA TRP A 255 4.66 -6.54 6.42
C TRP A 255 4.84 -5.06 6.11
N LEU A 256 3.84 -4.48 5.42
CA LEU A 256 3.86 -3.06 5.05
C LEU A 256 3.84 -2.11 6.28
N THR A 257 3.17 -2.51 7.36
CA THR A 257 3.09 -1.61 8.55
C THR A 257 4.24 -1.84 9.54
N ALA A 258 5.05 -2.86 9.26
CA ALA A 258 6.26 -3.16 10.06
C ALA A 258 7.43 -2.25 9.71
N PHE A 259 7.43 -1.65 8.52
CA PHE A 259 8.59 -0.88 7.99
C PHE A 259 8.09 0.32 7.20
N ASP A 260 8.87 1.43 7.17
CA ASP A 260 8.47 2.55 6.24
C ASP A 260 8.48 2.15 4.75
N GLY A 261 9.55 1.47 4.32
CA GLY A 261 9.80 1.25 2.91
C GLY A 261 10.63 0.03 2.59
N MSE A 262 10.67 -0.96 3.51
CA MSE A 262 11.41 -2.22 3.27
C MSE A 262 10.98 -2.83 1.96
O MSE A 262 9.77 -2.89 1.65
CB MSE A 262 11.17 -3.20 4.45
CG MSE A 262 11.70 -4.65 4.34
SE MSE A 262 13.67 -4.46 4.33
CE MSE A 262 14.10 -3.94 6.25
N LEU A 263 11.94 -3.33 1.17
CA LEU A 263 11.59 -4.22 0.02
C LEU A 263 10.47 -5.21 0.37
N ALA A 264 9.47 -5.27 -0.50
CA ALA A 264 8.33 -6.10 -0.27
C ALA A 264 8.11 -7.00 -1.45
N ILE A 265 8.65 -8.20 -1.34
CA ILE A 265 8.43 -9.22 -2.39
C ILE A 265 7.73 -10.40 -1.74
N ALA A 266 6.49 -10.69 -2.13
CA ALA A 266 5.69 -11.81 -1.49
C ALA A 266 5.85 -13.14 -2.19
N PRO A 267 6.10 -14.23 -1.44
CA PRO A 267 5.85 -15.51 -2.09
C PRO A 267 4.35 -15.77 -2.30
N THR A 268 4.01 -16.55 -3.30
CA THR A 268 2.60 -16.68 -3.66
C THR A 268 2.03 -18.03 -3.36
N ASP A 269 2.87 -18.95 -2.86
CA ASP A 269 2.47 -20.32 -2.75
C ASP A 269 2.47 -20.88 -1.31
N THR A 270 2.26 -20.04 -0.32
CA THR A 270 2.06 -20.60 1.00
C THR A 270 0.81 -21.46 0.99
N LEU A 271 -0.20 -21.00 0.25
CA LEU A 271 -1.45 -21.71 0.08
C LEU A 271 -1.51 -22.15 -1.39
N THR A 272 -2.24 -21.41 -2.25
CA THR A 272 -2.17 -21.71 -3.71
C THR A 272 -2.17 -20.37 -4.46
N ILE A 273 -1.85 -20.42 -5.75
CA ILE A 273 -1.90 -19.18 -6.54
C ILE A 273 -3.31 -18.58 -6.55
N ASP A 274 -4.35 -19.39 -6.62
CA ASP A 274 -5.71 -18.80 -6.56
C ASP A 274 -5.99 -18.11 -5.26
N ALA A 275 -5.58 -18.70 -4.13
CA ALA A 275 -5.78 -18.03 -2.81
C ALA A 275 -4.99 -16.74 -2.74
N PHE A 276 -3.75 -16.78 -3.24
CA PHE A 276 -2.92 -15.58 -3.27
C PHE A 276 -3.58 -14.49 -4.11
N LEU A 277 -4.05 -14.85 -5.30
CA LEU A 277 -4.67 -13.80 -6.16
C LEU A 277 -5.91 -13.22 -5.53
N ASN A 278 -6.68 -14.03 -4.80
CA ASN A 278 -7.85 -13.51 -4.12
C ASN A 278 -7.53 -12.58 -2.97
N ASP A 279 -6.35 -12.72 -2.39
CA ASP A 279 -5.96 -11.81 -1.30
C ASP A 279 -5.22 -10.55 -1.78
N PHE A 280 -4.59 -10.66 -2.93
CA PHE A 280 -3.59 -9.65 -3.38
C PHE A 280 -4.35 -8.55 -4.10
N ASN A 281 -5.10 -7.71 -3.32
CA ASN A 281 -5.95 -6.71 -3.93
C ASN A 281 -5.15 -5.51 -4.50
N ARG A 282 -5.88 -4.55 -5.05
CA ARG A 282 -5.23 -3.52 -5.82
C ARG A 282 -4.28 -2.71 -4.92
N HIS A 283 -4.71 -2.46 -3.67
CA HIS A 283 -3.87 -1.65 -2.77
C HIS A 283 -2.59 -2.41 -2.42
N LEU A 284 -2.68 -3.73 -2.20
CA LEU A 284 -1.51 -4.53 -1.86
C LEU A 284 -0.63 -4.72 -3.07
N ALA A 285 -1.25 -4.94 -4.22
CA ALA A 285 -0.45 -5.17 -5.49
C ALA A 285 0.33 -3.93 -5.93
N ASN A 286 -0.20 -2.74 -5.62
CA ASN A 286 0.53 -1.51 -5.89
C ASN A 286 1.61 -1.25 -4.86
N ALA A 287 1.34 -1.57 -3.62
CA ALA A 287 2.35 -1.30 -2.60
C ALA A 287 3.53 -2.29 -2.70
N TYR A 288 3.26 -3.55 -2.98
CA TYR A 288 4.34 -4.54 -3.09
C TYR A 288 5.21 -4.32 -4.35
N ASP A 289 6.51 -4.54 -4.21
CA ASP A 289 7.45 -4.38 -5.28
C ASP A 289 7.36 -5.54 -6.24
N GLY A 290 6.78 -6.64 -5.80
CA GLY A 290 6.69 -7.79 -6.69
C GLY A 290 6.44 -9.07 -5.91
N VAL A 291 6.67 -10.19 -6.58
CA VAL A 291 6.31 -11.49 -6.03
C VAL A 291 7.42 -12.50 -6.35
N ARG A 292 7.44 -13.61 -5.62
CA ARG A 292 8.48 -14.65 -5.80
C ARG A 292 7.83 -15.95 -6.23
N HIS A 293 8.45 -16.63 -7.19
CA HIS A 293 7.98 -17.94 -7.65
C HIS A 293 8.80 -19.01 -6.99
N ASP A 294 8.13 -20.00 -6.37
CA ASP A 294 8.88 -21.08 -5.70
C ASP A 294 8.36 -22.49 -5.92
N SER A 295 7.26 -22.67 -6.65
CA SER A 295 6.80 -24.04 -6.93
C SER A 295 5.93 -24.05 -8.17
N GLY A 296 5.85 -25.17 -8.84
CA GLY A 296 4.95 -25.28 -10.02
C GLY A 296 5.58 -24.57 -11.21
N CYS A 297 4.86 -24.55 -12.31
CA CYS A 297 5.44 -24.09 -13.57
C CYS A 297 5.66 -22.58 -13.52
N PRO A 298 6.90 -22.12 -13.77
CA PRO A 298 7.15 -20.66 -13.69
C PRO A 298 6.50 -19.86 -14.83
N PHE A 299 6.35 -20.50 -15.97
CA PHE A 299 5.72 -19.82 -17.14
C PHE A 299 4.24 -19.48 -16.89
N ARG A 300 3.47 -20.49 -16.51
CA ARG A 300 2.07 -20.33 -16.12
C ARG A 300 1.91 -19.34 -14.95
N TRP A 301 2.79 -19.45 -13.96
CA TRP A 301 2.78 -18.56 -12.78
C TRP A 301 2.96 -17.12 -13.22
N GLY A 302 4.00 -16.87 -13.99
CA GLY A 302 4.34 -15.48 -14.34
C GLY A 302 3.24 -14.94 -15.22
N ASP A 303 2.69 -15.79 -16.12
CA ASP A 303 1.61 -15.29 -17.02
C ASP A 303 0.40 -14.90 -16.18
N LYS A 304 0.10 -15.73 -15.17
CA LYS A 304 -1.05 -15.46 -14.29
C LYS A 304 -0.86 -14.16 -13.49
N MSE A 305 0.34 -13.96 -12.99
CA MSE A 305 0.66 -12.74 -12.20
C MSE A 305 0.57 -11.52 -13.09
O MSE A 305 0.03 -10.51 -12.69
CB MSE A 305 2.07 -12.82 -11.64
CG MSE A 305 2.17 -13.85 -10.51
SE MSE A 305 1.06 -13.36 -8.94
CE MSE A 305 1.16 -11.38 -9.02
N ILE A 306 1.13 -11.58 -14.30
CA ILE A 306 1.01 -10.49 -15.27
C ILE A 306 -0.46 -10.18 -15.53
N ALA A 307 -1.28 -11.19 -15.81
CA ALA A 307 -2.74 -10.97 -16.06
C ALA A 307 -3.44 -10.31 -14.86
N HIS A 308 -3.00 -10.70 -13.65
CA HIS A 308 -3.57 -10.12 -12.44
C HIS A 308 -3.25 -8.65 -12.31
N TYR A 309 -1.97 -8.29 -12.51
CA TYR A 309 -1.58 -6.88 -12.51
C TYR A 309 -2.44 -6.07 -13.52
N GLN A 310 -2.54 -6.62 -14.73
CA GLN A 310 -3.25 -5.93 -15.83
C GLN A 310 -4.73 -5.76 -15.49
N GLN A 311 -5.37 -6.75 -14.86
CA GLN A 311 -6.77 -6.67 -14.47
C GLN A 311 -6.95 -5.55 -13.43
N LEU A 312 -5.92 -5.34 -12.64
CA LEU A 312 -5.95 -4.32 -11.57
C LEU A 312 -5.41 -2.94 -12.08
N GLY A 313 -5.05 -2.85 -13.36
CA GLY A 313 -4.58 -1.59 -13.97
C GLY A 313 -3.17 -1.24 -13.58
N ILE A 314 -2.39 -2.22 -13.15
CA ILE A 314 -0.98 -2.04 -12.76
C ILE A 314 -0.09 -2.46 -13.93
N ASP A 315 0.90 -1.65 -14.24
CA ASP A 315 1.86 -1.93 -15.29
C ASP A 315 2.91 -2.96 -14.78
N PRO A 316 2.90 -4.16 -15.33
CA PRO A 316 3.81 -5.21 -14.78
C PRO A 316 5.25 -4.94 -15.02
N THR A 317 5.56 -4.06 -16.00
CA THR A 317 6.94 -3.71 -16.22
C THR A 317 7.54 -2.89 -15.07
N THR A 318 6.69 -2.44 -14.15
CA THR A 318 7.15 -1.74 -12.94
C THR A 318 7.31 -2.70 -11.73
N LYS A 319 6.97 -3.98 -11.91
CA LYS A 319 7.04 -4.93 -10.78
C LYS A 319 8.11 -5.96 -11.04
N LEU A 320 8.50 -6.68 -9.98
CA LEU A 320 9.65 -7.57 -10.09
C LEU A 320 9.20 -9.01 -9.78
N PHE A 321 9.58 -9.96 -10.63
CA PHE A 321 9.39 -11.39 -10.30
C PHE A 321 10.73 -11.96 -9.91
N ILE A 322 10.82 -12.57 -8.73
CA ILE A 322 12.05 -13.33 -8.37
C ILE A 322 11.67 -14.80 -8.55
N PHE A 323 12.36 -15.48 -9.45
CA PHE A 323 12.21 -16.94 -9.65
C PHE A 323 13.26 -17.63 -8.76
N SER A 324 12.84 -18.60 -7.96
CA SER A 324 13.76 -19.23 -6.98
C SER A 324 13.62 -20.76 -6.87
N ASP A 325 12.93 -21.39 -7.84
CA ASP A 325 12.63 -22.83 -7.71
C ASP A 325 13.70 -23.73 -8.32
N GLY A 326 14.79 -23.94 -7.59
CA GLY A 326 15.83 -24.87 -7.98
C GLY A 326 16.42 -24.59 -9.36
N LEU A 327 16.78 -23.33 -9.60
CA LEU A 327 17.24 -22.91 -10.95
C LEU A 327 18.66 -23.30 -11.27
N ASP A 328 18.95 -23.35 -12.56
CA ASP A 328 20.31 -23.32 -13.09
C ASP A 328 20.27 -22.27 -14.21
N PHE A 329 21.42 -22.04 -14.85
CA PHE A 329 21.49 -20.86 -15.76
C PHE A 329 20.68 -21.10 -17.02
N ASP A 330 20.64 -22.36 -17.50
CA ASP A 330 19.85 -22.60 -18.69
C ASP A 330 18.36 -22.41 -18.47
N GLN A 331 17.87 -22.83 -17.32
CA GLN A 331 16.48 -22.49 -16.95
C GLN A 331 16.25 -20.93 -16.89
N ALA A 332 17.23 -20.23 -16.35
CA ALA A 332 17.10 -18.79 -16.15
C ALA A 332 17.02 -18.11 -17.52
N LEU A 333 17.90 -18.54 -18.45
CA LEU A 333 17.90 -17.88 -19.80
C LEU A 333 16.58 -18.09 -20.53
N GLU A 334 16.01 -19.28 -20.40
CA GLU A 334 14.69 -19.57 -20.96
C GLU A 334 13.62 -18.61 -20.41
N LEU A 335 13.68 -18.39 -19.10
CA LEU A 335 12.72 -17.47 -18.45
C LEU A 335 12.98 -16.05 -18.92
N CYS A 336 14.28 -15.69 -19.12
CA CYS A 336 14.61 -14.35 -19.66
C CYS A 336 13.89 -14.08 -20.98
N GLU A 337 13.95 -15.06 -21.90
CA GLU A 337 13.34 -14.89 -23.22
C GLU A 337 11.83 -14.79 -23.13
N TYR A 338 11.24 -15.61 -22.27
CA TYR A 338 9.81 -15.69 -22.18
C TYR A 338 9.22 -14.40 -21.58
N PHE A 339 9.95 -13.77 -20.65
CA PHE A 339 9.41 -12.60 -19.91
C PHE A 339 9.98 -11.25 -20.37
N ALA A 340 10.86 -11.28 -21.37
CA ALA A 340 11.51 -10.07 -21.88
C ALA A 340 10.43 -9.07 -22.30
N GLY A 341 10.59 -7.83 -21.83
CA GLY A 341 9.66 -6.74 -22.18
C GLY A 341 8.35 -6.73 -21.40
N ARG A 342 8.08 -7.73 -20.56
CA ARG A 342 6.79 -7.87 -19.97
C ARG A 342 6.78 -7.57 -18.45
N VAL A 343 7.93 -7.69 -17.80
CA VAL A 343 7.96 -7.63 -16.32
C VAL A 343 9.41 -7.60 -15.95
N LYS A 344 9.77 -7.03 -14.78
CA LYS A 344 11.18 -7.07 -14.39
C LYS A 344 11.42 -8.42 -13.74
N ILE A 345 12.64 -8.97 -13.91
CA ILE A 345 12.91 -10.26 -13.33
C ILE A 345 14.31 -10.35 -12.69
N SER A 346 14.42 -11.29 -11.76
CA SER A 346 15.71 -11.70 -11.28
C SER A 346 15.62 -13.17 -10.84
N PHE A 347 16.77 -13.86 -10.84
CA PHE A 347 16.81 -15.30 -10.48
C PHE A 347 17.50 -15.51 -9.15
N GLY A 348 16.76 -15.99 -8.15
CA GLY A 348 17.34 -16.26 -6.85
C GLY A 348 17.86 -17.67 -6.85
N ILE A 349 19.18 -17.81 -6.93
CA ILE A 349 19.82 -19.14 -7.06
C ILE A 349 20.68 -19.53 -5.83
N GLY A 350 20.48 -20.75 -5.36
CA GLY A 350 21.13 -21.21 -4.13
C GLY A 350 22.17 -22.26 -4.47
N THR A 351 21.74 -23.52 -4.35
CA THR A 351 22.56 -24.69 -4.50
C THR A 351 23.43 -24.67 -5.76
N PHE A 352 22.84 -24.28 -6.90
CA PHE A 352 23.55 -24.31 -8.19
C PHE A 352 24.76 -23.42 -8.12
N LEU A 353 24.70 -22.38 -7.31
CA LEU A 353 25.87 -21.49 -7.13
C LEU A 353 26.88 -21.99 -6.09
N THR A 354 26.40 -22.26 -4.85
CA THR A 354 27.30 -22.46 -3.68
C THR A 354 27.52 -23.90 -3.26
N ASN A 355 26.93 -24.84 -4.01
CA ASN A 355 27.14 -26.26 -3.68
C ASN A 355 27.01 -27.15 -4.89
N ASP A 356 27.86 -26.93 -5.87
CA ASP A 356 27.80 -27.67 -7.12
C ASP A 356 29.24 -28.09 -7.47
N LEU A 357 29.48 -29.39 -7.48
CA LEU A 357 30.83 -29.92 -7.82
C LEU A 357 30.75 -30.70 -9.13
N ALA A 358 29.69 -30.44 -9.87
CA ALA A 358 29.49 -31.06 -11.18
C ALA A 358 29.65 -32.61 -11.07
N ASN A 359 29.04 -33.21 -10.07
CA ASN A 359 28.97 -34.66 -9.98
C ASN A 359 30.32 -35.29 -9.71
N TRP A 360 31.27 -34.50 -9.23
CA TRP A 360 32.57 -34.99 -8.84
C TRP A 360 32.49 -36.30 -8.06
N ARG A 361 33.28 -37.31 -8.44
CA ARG A 361 33.23 -38.59 -7.72
C ARG A 361 34.37 -38.63 -6.73
N ASN A 362 34.12 -39.13 -5.52
CA ASN A 362 35.20 -39.36 -4.58
C ASN A 362 36.01 -40.59 -4.97
N ALA A 363 37.03 -40.93 -4.17
CA ALA A 363 37.97 -42.00 -4.53
C ALA A 363 37.23 -43.35 -4.62
N ALA A 364 36.12 -43.47 -3.90
CA ALA A 364 35.36 -44.71 -3.93
C ALA A 364 34.35 -44.70 -5.09
N GLY A 365 34.23 -43.57 -5.78
CA GLY A 365 33.48 -43.49 -7.03
C GLY A 365 32.09 -42.99 -6.82
N VAL A 366 31.82 -42.47 -5.62
CA VAL A 366 30.49 -41.97 -5.31
C VAL A 366 30.37 -40.52 -5.84
N GLU A 367 29.32 -40.24 -6.62
CA GLU A 367 29.06 -38.86 -7.12
C GLU A 367 28.61 -37.92 -6.01
N TYR A 368 29.23 -36.74 -5.96
CA TYR A 368 28.88 -35.75 -4.96
C TYR A 368 27.48 -35.24 -5.22
N ARG A 369 26.67 -35.11 -4.15
CA ARG A 369 25.39 -34.38 -4.18
C ARG A 369 25.34 -33.55 -2.86
N PRO A 370 24.72 -32.37 -2.88
CA PRO A 370 24.52 -31.60 -1.63
C PRO A 370 23.72 -32.42 -0.62
N LEU A 371 23.84 -32.04 0.66
CA LEU A 371 23.04 -32.68 1.73
C LEU A 371 21.59 -32.31 1.53
N SER A 372 20.73 -33.29 1.70
CA SER A 372 19.28 -33.09 1.59
C SER A 372 18.84 -32.60 2.94
N ILE A 373 18.31 -31.40 3.00
CA ILE A 373 17.90 -30.85 4.30
C ILE A 373 16.74 -29.90 4.16
N VAL A 374 15.78 -30.08 5.06
CA VAL A 374 14.60 -29.28 5.02
C VAL A 374 14.31 -28.72 6.39
N ILE A 375 13.77 -27.53 6.41
CA ILE A 375 13.25 -27.00 7.62
C ILE A 375 11.78 -26.59 7.44
N LYS A 376 11.03 -26.66 8.52
CA LYS A 376 9.72 -26.11 8.50
C LYS A 376 9.34 -25.48 9.82
N LEU A 377 8.53 -24.42 9.73
CA LEU A 377 7.83 -23.90 10.90
C LEU A 377 6.69 -24.88 11.16
N ALA A 378 6.71 -25.50 12.32
CA ALA A 378 5.75 -26.57 12.64
C ALA A 378 4.57 -26.01 13.41
N GLU A 379 4.81 -24.99 14.22
CA GLU A 379 3.84 -24.63 15.24
C GLU A 379 4.07 -23.17 15.63
N CYS A 380 2.99 -22.48 15.99
CA CYS A 380 3.07 -21.09 16.42
C CYS A 380 1.99 -20.89 17.48
N GLN A 381 2.37 -20.29 18.62
CA GLN A 381 1.48 -20.18 19.80
C GLN A 381 0.87 -21.50 20.16
N GLY A 382 1.65 -22.57 20.00
CA GLY A 382 1.20 -23.91 20.36
C GLY A 382 0.16 -24.50 19.41
N ARG A 383 -0.04 -23.86 18.27
CA ARG A 383 -1.05 -24.28 17.27
C ARG A 383 -0.35 -24.72 16.00
N PRO A 384 -0.93 -25.70 15.28
CA PRO A 384 -0.28 -26.10 14.01
C PRO A 384 -0.36 -25.00 12.97
N VAL A 385 0.56 -25.02 12.01
CA VAL A 385 0.49 -24.12 10.84
C VAL A 385 0.94 -24.97 9.64
N ALA A 386 0.61 -24.54 8.43
CA ALA A 386 0.89 -25.42 7.26
C ALA A 386 1.25 -24.65 6.03
N LYS A 387 2.01 -25.32 5.16
CA LYS A 387 2.24 -24.78 3.83
C LYS A 387 1.67 -25.78 2.84
N ILE A 388 0.98 -25.28 1.84
CA ILE A 388 0.35 -26.20 0.89
C ILE A 388 1.23 -26.24 -0.39
N SER A 389 1.30 -25.08 -1.02
CA SER A 389 2.05 -24.70 -2.25
C SER A 389 1.32 -25.06 -3.56
N ASP A 390 1.96 -24.73 -4.68
CA ASP A 390 1.35 -25.06 -5.98
C ASP A 390 1.75 -26.44 -6.49
N GLN A 391 2.56 -27.13 -5.68
CA GLN A 391 2.75 -28.58 -5.82
C GLN A 391 2.11 -29.33 -4.61
N PRO A 392 0.83 -29.73 -4.73
CA PRO A 392 0.11 -30.21 -3.55
C PRO A 392 0.80 -31.37 -2.80
N GLU A 393 1.52 -32.22 -3.53
CA GLU A 393 2.16 -33.39 -2.95
C GLU A 393 3.18 -32.96 -1.91
N LYS A 394 3.56 -31.69 -1.97
CA LYS A 394 4.50 -31.14 -1.03
C LYS A 394 3.84 -30.48 0.22
N ALA A 395 2.50 -30.54 0.33
CA ALA A 395 1.80 -30.00 1.54
C ALA A 395 2.44 -30.55 2.84
N MSE A 396 2.55 -29.71 3.87
CA MSE A 396 3.28 -30.12 5.11
C MSE A 396 2.49 -29.56 6.26
O MSE A 396 2.11 -28.39 6.21
CB MSE A 396 4.73 -29.57 5.09
CG MSE A 396 4.80 -28.07 5.44
SE MSE A 396 6.58 -27.23 5.05
CE MSE A 396 6.57 -27.54 3.08
N CYS A 397 2.10 -30.46 7.16
CA CYS A 397 1.47 -30.15 8.46
C CYS A 397 1.58 -31.37 9.39
N GLU A 398 1.85 -31.16 10.69
CA GLU A 398 1.88 -32.24 11.67
C GLU A 398 0.48 -32.72 12.05
N ASP A 399 -0.54 -31.92 11.75
CA ASP A 399 -1.92 -32.17 12.22
C ASP A 399 -2.79 -32.29 10.97
N PRO A 400 -3.16 -33.51 10.61
CA PRO A 400 -3.86 -33.60 9.32
C PRO A 400 -5.28 -32.97 9.35
N ILE A 401 -5.89 -32.91 10.52
CA ILE A 401 -7.22 -32.22 10.67
C ILE A 401 -7.07 -30.73 10.45
N PHE A 402 -6.09 -30.13 11.07
CA PHE A 402 -5.78 -28.72 10.75
C PHE A 402 -5.58 -28.45 9.24
N LEU A 403 -4.80 -29.30 8.60
CA LEU A 403 -4.50 -29.07 7.19
C LEU A 403 -5.80 -29.21 6.36
N ALA A 404 -6.60 -30.21 6.68
CA ALA A 404 -7.88 -30.44 5.96
C ALA A 404 -8.81 -29.20 6.15
N ASN A 405 -8.92 -28.71 7.38
CA ASN A 405 -9.70 -27.50 7.60
C ASN A 405 -9.18 -26.26 6.85
N LEU A 406 -7.88 -26.08 6.86
CA LEU A 406 -7.25 -24.95 6.17
C LEU A 406 -7.56 -25.04 4.65
N LYS A 407 -7.47 -26.26 4.06
CA LYS A 407 -7.78 -26.41 2.64
C LYS A 407 -9.25 -26.03 2.43
N ARG A 408 -10.14 -26.53 3.27
CA ARG A 408 -11.56 -26.25 3.10
C ARG A 408 -11.81 -24.72 3.15
N ARG A 409 -11.18 -24.01 4.09
CA ARG A 409 -11.39 -22.55 4.18
C ARG A 409 -10.93 -21.83 2.91
N PHE A 410 -9.99 -22.41 2.15
CA PHE A 410 -9.50 -21.76 0.91
C PHE A 410 -10.05 -22.40 -0.34
N ASN A 411 -11.05 -23.24 -0.15
CA ASN A 411 -11.67 -23.99 -1.27
C ASN A 411 -10.66 -24.79 -2.05
N ILE A 412 -9.72 -25.42 -1.33
CA ILE A 412 -8.70 -26.27 -1.95
C ILE A 412 -9.20 -27.70 -1.85
N GLU A 413 -9.12 -28.44 -2.98
CA GLU A 413 -9.67 -29.79 -3.05
C GLU A 413 -8.94 -30.67 -2.02
N LEU A 414 -9.75 -31.43 -1.32
CA LEU A 414 -9.32 -32.27 -0.20
C LEU A 414 -9.53 -33.73 -0.65
N ASP A 415 -8.51 -34.57 -0.56
CA ASP A 415 -8.68 -35.98 -0.82
C ASP A 415 -9.13 -36.72 0.47
N VAL A 416 -10.41 -37.07 0.56
CA VAL A 416 -10.97 -37.62 1.82
C VAL A 416 -10.41 -39.01 2.14
N ASP A 417 -10.23 -39.82 1.11
CA ASP A 417 -9.67 -41.14 1.36
C ASP A 417 -8.27 -41.06 1.94
N ALA A 418 -7.43 -40.18 1.41
CA ALA A 418 -6.06 -39.96 1.93
C ALA A 418 -6.14 -39.45 3.36
N LEU A 419 -7.03 -38.47 3.60
CA LEU A 419 -7.21 -37.96 4.98
C LEU A 419 -7.60 -39.08 5.97
N ILE A 420 -8.51 -39.97 5.58
CA ILE A 420 -8.93 -41.05 6.47
C ILE A 420 -7.73 -41.93 6.80
N GLN A 421 -6.88 -42.18 5.79
CA GLN A 421 -5.69 -43.01 6.07
C GLN A 421 -4.75 -42.28 7.03
N GLU A 422 -4.57 -40.98 6.85
CA GLU A 422 -3.72 -40.19 7.69
C GLU A 422 -4.29 -40.18 9.13
N LEU A 423 -5.60 -40.06 9.29
CA LEU A 423 -6.19 -40.12 10.62
C LEU A 423 -5.98 -41.48 11.28
N ARG A 424 -6.18 -42.54 10.52
CA ARG A 424 -5.94 -43.86 11.07
C ARG A 424 -4.44 -44.04 11.47
N HIS A 425 -3.52 -43.55 10.64
CA HIS A 425 -2.06 -43.67 10.91
C HIS A 425 -1.66 -42.98 12.21
N GLN A 426 -2.08 -41.72 12.34
CA GLN A 426 -1.84 -40.92 13.56
C GLN A 426 -2.35 -41.53 14.87
N LYS A 427 -3.46 -42.28 14.84
CA LYS A 427 -4.08 -42.90 16.01
C LYS A 427 -3.27 -44.04 16.52
N ARG A 428 -2.54 -44.67 15.61
CA ARG A 428 -1.74 -45.85 15.89
C ARG A 428 -0.40 -45.45 16.53
N SER B 2 -43.24 32.62 -10.88
CA SER B 2 -42.99 31.27 -11.49
C SER B 2 -41.56 31.21 -12.01
N LEU B 3 -40.70 30.41 -11.36
CA LEU B 3 -39.29 30.32 -11.75
C LEU B 3 -39.06 29.74 -13.16
N ASN B 4 -38.09 30.28 -13.91
CA ASN B 4 -37.78 29.81 -15.25
C ASN B 4 -37.22 28.35 -15.27
N PRO B 5 -37.95 27.40 -15.91
CA PRO B 5 -37.56 25.99 -15.99
C PRO B 5 -36.21 25.73 -16.66
N ARG B 6 -35.73 26.69 -17.44
CA ARG B 6 -34.42 26.58 -18.05
C ARG B 6 -33.30 26.83 -17.03
N LEU B 7 -33.61 27.55 -15.94
CA LEU B 7 -32.66 27.83 -14.86
C LEU B 7 -32.86 26.92 -13.69
N PHE B 8 -34.10 26.57 -13.39
CA PHE B 8 -34.38 25.83 -12.17
C PHE B 8 -35.28 24.69 -12.51
N SER B 9 -34.91 23.52 -12.03
CA SER B 9 -35.83 22.40 -12.06
C SER B 9 -36.77 22.47 -10.83
N PRO B 10 -37.80 21.62 -10.81
CA PRO B 10 -38.73 21.68 -9.68
C PRO B 10 -38.09 21.23 -8.43
N HIS B 11 -37.08 20.38 -8.53
CA HIS B 11 -36.39 19.90 -7.34
C HIS B 11 -34.98 20.46 -7.26
N ILE B 12 -34.56 20.88 -6.08
CA ILE B 12 -33.18 21.40 -5.88
C ILE B 12 -32.20 20.24 -5.77
N ILE B 13 -32.42 19.37 -4.81
CA ILE B 13 -31.63 18.16 -4.69
C ILE B 13 -32.32 17.04 -5.49
N ARG B 14 -31.59 16.34 -6.36
CA ARG B 14 -32.26 15.42 -7.31
C ARG B 14 -32.43 13.99 -6.84
N SER B 15 -31.58 13.57 -5.90
CA SER B 15 -31.65 12.23 -5.23
C SER B 15 -30.61 12.24 -4.15
N LEU B 16 -30.46 11.13 -3.40
CA LEU B 16 -29.41 11.05 -2.44
C LEU B 16 -28.08 10.73 -3.10
N LEU B 17 -28.06 10.57 -4.42
CA LEU B 17 -26.75 10.47 -5.11
C LEU B 17 -26.32 11.85 -5.66
N ASP B 18 -27.18 12.86 -5.50
CA ASP B 18 -26.88 14.21 -6.01
C ASP B 18 -25.97 14.89 -4.96
N LEU B 19 -24.73 14.46 -4.95
CA LEU B 19 -23.73 14.94 -3.99
C LEU B 19 -22.34 14.45 -4.47
N ASP B 20 -21.32 14.89 -3.79
CA ASP B 20 -19.94 14.46 -4.20
C ASP B 20 -19.78 13.01 -3.74
N ALA B 21 -19.30 12.19 -4.67
CA ALA B 21 -19.08 10.75 -4.49
C ALA B 21 -18.20 10.46 -3.29
N TYR B 22 -17.21 11.30 -2.98
CA TYR B 22 -16.32 10.96 -1.82
C TYR B 22 -17.07 10.98 -0.52
N LYS B 23 -18.22 11.61 -0.48
CA LYS B 23 -18.99 11.68 0.79
C LYS B 23 -19.61 10.31 1.06
N ILE B 24 -20.20 9.70 0.03
CA ILE B 24 -20.65 8.30 0.16
C ILE B 24 -19.48 7.37 0.40
N ASN B 25 -18.39 7.59 -0.32
CA ASN B 25 -17.28 6.70 -0.11
C ASN B 25 -16.72 6.80 1.27
N MSE B 26 -16.48 8.03 1.77
CA MSE B 26 -16.03 8.20 3.15
C MSE B 26 -17.04 7.60 4.13
O MSE B 26 -16.63 7.03 5.16
CB MSE B 26 -15.80 9.67 3.53
CG MSE B 26 -14.46 10.15 2.92
SE MSE B 26 -14.19 11.99 3.66
CE MSE B 26 -14.37 11.39 5.31
N MSE B 27 -18.32 7.72 3.81
CA MSE B 27 -19.36 7.11 4.71
C MSE B 27 -19.11 5.61 4.91
O MSE B 27 -19.34 5.09 6.00
CB MSE B 27 -20.81 7.25 4.11
CG MSE B 27 -21.84 6.87 5.19
SE MSE B 27 -23.55 7.25 4.26
CE MSE B 27 -24.77 6.61 5.68
N GLN B 28 -18.67 4.92 3.86
CA GLN B 28 -18.33 3.48 3.98
C GLN B 28 -17.14 3.26 4.91
N ALA B 29 -16.10 4.08 4.79
CA ALA B 29 -14.95 3.91 5.69
C ALA B 29 -15.30 4.21 7.16
N ILE B 30 -16.20 5.19 7.41
CA ILE B 30 -16.63 5.57 8.75
C ILE B 30 -17.59 4.46 9.27
N HIS B 31 -18.53 4.02 8.42
CA HIS B 31 -19.38 2.82 8.72
C HIS B 31 -18.55 1.68 9.24
N HIS B 32 -17.42 1.42 8.55
CA HIS B 32 -16.59 0.24 8.88
C HIS B 32 -15.79 0.41 10.17
N PHE B 33 -15.10 1.53 10.31
CA PHE B 33 -14.15 1.74 11.42
C PHE B 33 -14.68 2.52 12.61
N TYR B 34 -15.62 3.45 12.36
CA TYR B 34 -16.01 4.44 13.35
C TYR B 34 -17.54 4.61 13.47
N PRO B 35 -18.29 3.51 13.64
CA PRO B 35 -19.75 3.59 13.65
C PRO B 35 -20.29 4.40 14.83
N ASP B 36 -19.54 4.54 15.92
CA ASP B 36 -20.03 5.28 17.07
C ASP B 36 -19.33 6.62 17.28
N VAL B 37 -18.57 7.10 16.29
CA VAL B 37 -17.90 8.41 16.43
C VAL B 37 -18.90 9.51 16.10
N SER B 38 -18.89 10.59 16.88
CA SER B 38 -19.79 11.70 16.61
C SER B 38 -18.97 12.92 16.15
N VAL B 39 -19.63 13.82 15.50
CA VAL B 39 -18.93 15.02 14.94
C VAL B 39 -19.85 16.22 15.01
N ARG B 40 -19.28 17.40 14.77
CA ARG B 40 -20.09 18.60 14.56
C ARG B 40 -19.44 19.33 13.39
N TYR B 41 -20.25 19.77 12.44
CA TYR B 41 -19.81 20.57 11.33
C TYR B 41 -20.39 21.96 11.50
N GLU B 42 -19.63 22.94 11.04
CA GLU B 42 -20.11 24.34 11.07
C GLU B 42 -20.02 24.96 9.70
N LEU B 43 -21.12 25.55 9.25
CA LEU B 43 -21.16 26.24 7.94
C LEU B 43 -21.42 27.70 8.15
N ILE B 44 -20.79 28.55 7.35
CA ILE B 44 -21.06 29.98 7.47
C ILE B 44 -21.29 30.50 6.10
N VAL B 45 -22.32 31.30 5.97
CA VAL B 45 -22.59 31.97 4.72
C VAL B 45 -21.90 33.32 4.76
N ARG B 46 -20.81 33.43 3.99
CA ARG B 46 -19.93 34.62 4.01
C ARG B 46 -20.38 35.61 2.95
N SER B 47 -21.46 36.32 3.23
CA SER B 47 -21.90 37.42 2.35
C SER B 47 -22.00 38.70 3.14
N GLU B 48 -21.95 39.83 2.43
CA GLU B 48 -22.30 41.11 3.00
C GLU B 48 -23.84 41.29 2.93
N GLU B 49 -24.47 40.63 1.93
CA GLU B 49 -25.93 40.68 1.71
C GLU B 49 -26.71 40.04 2.89
N ASP B 50 -27.77 40.70 3.34
CA ASP B 50 -28.57 40.22 4.47
C ASP B 50 -29.21 38.87 4.16
N ALA B 51 -29.08 37.91 5.08
CA ALA B 51 -29.46 36.53 4.78
C ALA B 51 -30.79 36.08 5.42
N SER B 52 -31.42 36.91 6.23
CA SER B 52 -32.57 36.39 6.97
C SER B 52 -33.73 36.02 6.01
N GLY B 53 -33.74 36.67 4.84
CA GLY B 53 -34.69 36.37 3.77
C GLY B 53 -34.61 34.96 3.20
N LEU B 54 -33.45 34.34 3.33
CA LEU B 54 -33.22 32.99 2.76
C LEU B 54 -33.65 31.87 3.69
N LEU B 55 -33.87 32.19 4.97
CA LEU B 55 -33.94 31.16 5.98
C LEU B 55 -35.13 30.25 5.84
N ASP B 56 -36.33 30.81 5.57
CA ASP B 56 -37.52 29.96 5.42
C ASP B 56 -37.39 28.89 4.33
N ALA B 57 -36.92 29.28 3.16
CA ALA B 57 -36.73 28.35 2.06
C ALA B 57 -35.66 27.38 2.40
N ILE B 58 -34.59 27.85 3.02
CA ILE B 58 -33.56 26.92 3.41
C ILE B 58 -34.04 25.88 4.42
N ARG B 59 -34.80 26.32 5.44
CA ARG B 59 -35.33 25.40 6.46
C ARG B 59 -36.21 24.33 5.83
N GLN B 60 -37.03 24.76 4.88
CA GLN B 60 -37.96 23.84 4.27
C GLN B 60 -37.24 22.78 3.44
N GLU B 61 -36.24 23.22 2.65
CA GLU B 61 -35.44 22.31 1.83
C GLU B 61 -34.64 21.39 2.69
N ILE B 62 -34.13 21.88 3.82
CA ILE B 62 -33.32 21.04 4.68
C ILE B 62 -34.22 20.02 5.39
N ALA B 63 -35.43 20.47 5.76
CA ALA B 63 -36.40 19.53 6.36
C ALA B 63 -36.73 18.43 5.38
N HIS B 64 -36.79 18.79 4.11
CA HIS B 64 -37.17 17.89 3.06
C HIS B 64 -36.13 16.78 2.83
N LEU B 65 -34.87 17.06 3.15
CA LEU B 65 -33.87 16.02 3.12
C LEU B 65 -34.29 14.77 3.96
N GLY B 66 -35.05 14.99 5.02
CA GLY B 66 -35.54 13.88 5.92
C GLY B 66 -36.51 12.93 5.18
N THR B 67 -37.01 13.34 4.01
CA THR B 67 -37.95 12.53 3.20
C THR B 67 -37.26 11.70 2.12
N LEU B 68 -36.00 12.02 1.85
CA LEU B 68 -35.26 11.30 0.82
C LEU B 68 -34.80 9.91 1.29
N ARG B 69 -34.74 8.97 0.35
CA ARG B 69 -34.27 7.61 0.61
C ARG B 69 -33.42 7.19 -0.57
N PHE B 70 -32.52 6.25 -0.36
CA PHE B 70 -31.91 5.54 -1.47
C PHE B 70 -32.88 4.50 -2.03
N SER B 71 -33.25 4.61 -3.30
CA SER B 71 -34.07 3.59 -3.97
C SER B 71 -33.24 2.33 -4.27
N ASP B 72 -33.92 1.23 -4.58
CA ASP B 72 -33.17 0.04 -5.01
C ASP B 72 -32.35 0.32 -6.24
N ALA B 73 -32.92 1.14 -7.11
CA ALA B 73 -32.22 1.63 -8.28
C ALA B 73 -30.91 2.38 -7.98
N ASP B 74 -30.92 3.29 -7.00
CA ASP B 74 -29.68 3.99 -6.59
C ASP B 74 -28.64 3.00 -6.13
N ILE B 75 -29.11 2.04 -5.33
CA ILE B 75 -28.26 0.98 -4.79
C ILE B 75 -27.75 0.08 -5.93
N HIS B 76 -28.60 -0.25 -6.92
CA HIS B 76 -28.14 -1.04 -8.10
C HIS B 76 -27.05 -0.27 -8.84
N TYR B 77 -27.17 1.07 -8.91
CA TYR B 77 -26.16 1.88 -9.62
C TYR B 77 -24.82 1.84 -8.89
N LEU B 78 -24.85 2.01 -7.57
CA LEU B 78 -23.62 1.92 -6.80
C LEU B 78 -23.04 0.53 -6.86
N THR B 79 -23.87 -0.50 -6.75
CA THR B 79 -23.31 -1.87 -6.83
C THR B 79 -22.47 -2.05 -8.12
N GLN B 80 -22.97 -1.57 -9.24
CA GLN B 80 -22.25 -1.77 -10.47
C GLN B 80 -21.13 -0.77 -10.71
N HIS B 81 -21.37 0.50 -10.36
CA HIS B 81 -20.47 1.56 -10.79
C HIS B 81 -19.58 2.12 -9.70
N ALA B 82 -19.73 1.57 -8.49
CA ALA B 82 -18.91 1.87 -7.32
C ALA B 82 -18.51 0.53 -6.67
N PRO B 83 -17.75 -0.29 -7.43
CA PRO B 83 -17.46 -1.69 -7.04
C PRO B 83 -16.66 -1.81 -5.75
N HIS B 84 -16.03 -0.74 -5.30
CA HIS B 84 -15.26 -0.87 -4.06
C HIS B 84 -16.07 -0.55 -2.82
N LEU B 85 -17.33 -0.19 -3.02
CA LEU B 85 -18.32 -0.17 -1.93
C LEU B 85 -18.77 -1.62 -1.49
N LYS B 86 -18.71 -1.93 -0.19
CA LYS B 86 -19.00 -3.29 0.34
C LYS B 86 -20.52 -3.59 0.24
N ALA B 87 -20.89 -4.82 -0.08
CA ALA B 87 -22.29 -5.15 -0.23
C ALA B 87 -23.00 -4.95 1.09
N THR B 88 -22.32 -5.21 2.21
CA THR B 88 -22.99 -5.06 3.49
C THR B 88 -23.30 -3.58 3.71
N PHE B 89 -22.37 -2.71 3.34
CA PHE B 89 -22.59 -1.26 3.51
C PHE B 89 -23.77 -0.79 2.64
N LEU B 90 -23.80 -1.23 1.37
CA LEU B 90 -24.91 -0.83 0.47
C LEU B 90 -26.30 -1.37 0.96
N GLN B 91 -26.33 -2.58 1.53
CA GLN B 91 -27.58 -3.16 2.11
C GLN B 91 -28.06 -2.24 3.26
N SER B 92 -27.15 -1.70 4.03
CA SER B 92 -27.52 -0.82 5.16
C SER B 92 -28.13 0.51 4.68
N LEU B 93 -27.71 0.95 3.51
CA LEU B 93 -28.27 2.18 2.91
C LEU B 93 -29.79 2.07 2.63
N ARG B 94 -30.32 0.84 2.55
CA ARG B 94 -31.77 0.60 2.35
C ARG B 94 -32.68 1.18 3.40
N TYR B 95 -32.19 1.25 4.61
CA TYR B 95 -32.98 1.84 5.65
C TYR B 95 -32.47 3.25 5.97
N PHE B 96 -31.39 3.73 5.32
CA PHE B 96 -30.77 4.97 5.85
C PHE B 96 -31.68 6.18 5.60
N HIS B 97 -31.84 7.04 6.60
CA HIS B 97 -32.30 8.41 6.29
C HIS B 97 -31.83 9.44 7.27
N PHE B 98 -31.90 10.70 6.86
CA PHE B 98 -31.54 11.81 7.75
C PHE B 98 -32.62 12.06 8.78
N VAL B 99 -32.23 12.66 9.89
CA VAL B 99 -33.17 13.21 10.85
C VAL B 99 -32.83 14.70 11.13
N PRO B 100 -33.11 15.60 10.19
CA PRO B 100 -32.62 17.01 10.23
C PRO B 100 -33.13 17.71 11.48
N GLN B 101 -34.34 17.37 11.96
CA GLN B 101 -34.83 18.07 13.13
C GLN B 101 -33.95 17.79 14.36
N GLU B 102 -33.23 16.65 14.38
CA GLU B 102 -32.28 16.37 15.44
C GLU B 102 -30.85 16.79 15.11
N GLN B 103 -30.50 16.76 13.84
CA GLN B 103 -29.08 16.90 13.40
C GLN B 103 -28.70 18.32 13.00
N VAL B 104 -29.67 19.16 12.63
CA VAL B 104 -29.31 20.45 11.94
C VAL B 104 -29.93 21.60 12.73
N GLU B 105 -29.10 22.60 13.06
CA GLU B 105 -29.59 23.85 13.70
C GLU B 105 -29.11 24.96 12.82
N MSE B 106 -29.92 26.00 12.64
CA MSE B 106 -29.44 27.13 11.86
C MSE B 106 -30.07 28.41 12.34
O MSE B 106 -31.10 28.39 13.05
CB MSE B 106 -29.79 26.80 10.41
CG MSE B 106 -31.27 26.98 10.23
SE MSE B 106 -31.57 26.49 8.33
CE MSE B 106 -31.23 24.57 8.54
N GLY B 107 -29.44 29.54 12.01
CA GLY B 107 -30.05 30.86 12.32
C GLY B 107 -29.07 31.98 11.97
N ILE B 108 -29.50 33.21 12.21
CA ILE B 108 -28.62 34.36 11.98
C ILE B 108 -27.91 34.64 13.30
N VAL B 109 -26.60 34.71 13.27
CA VAL B 109 -25.84 34.96 14.49
C VAL B 109 -25.22 36.33 14.37
N LYS B 110 -25.27 37.10 15.48
CA LYS B 110 -24.62 38.43 15.61
C LYS B 110 -23.40 38.40 16.53
N GLY B 113 -18.54 41.20 14.75
CA GLY B 113 -19.55 42.26 14.78
C GLY B 113 -20.53 42.21 13.62
N LYS B 114 -20.79 40.99 13.11
CA LYS B 114 -21.51 40.77 11.83
C LYS B 114 -22.83 39.94 12.02
N GLN B 115 -23.77 40.09 11.09
CA GLN B 115 -25.04 39.28 11.04
C GLN B 115 -25.02 38.27 9.88
N GLN B 116 -24.70 37.01 10.16
CA GLN B 116 -24.54 36.02 9.08
C GLN B 116 -25.25 34.69 9.37
N LEU B 117 -25.57 33.97 8.32
CA LEU B 117 -26.32 32.70 8.47
C LEU B 117 -25.34 31.62 8.86
N ARG B 118 -25.59 30.96 10.00
CA ARG B 118 -24.81 29.81 10.44
C ARG B 118 -25.67 28.54 10.51
N ILE B 119 -25.06 27.45 10.05
CA ILE B 119 -25.73 26.13 10.10
C ILE B 119 -24.77 25.25 10.87
N SER B 120 -25.29 24.52 11.89
CA SER B 120 -24.50 23.59 12.64
C SER B 120 -25.11 22.20 12.51
N ILE B 121 -24.27 21.22 12.23
CA ILE B 121 -24.75 19.83 12.02
C ILE B 121 -24.09 18.95 13.03
N ARG B 122 -24.89 18.19 13.79
CA ARG B 122 -24.29 17.40 14.86
C ARG B 122 -24.92 16.00 14.80
N GLY B 123 -24.13 14.97 14.99
CA GLY B 123 -24.64 13.63 15.17
C GLY B 123 -23.53 12.62 14.90
N SER B 124 -23.87 11.37 14.65
CA SER B 124 -22.78 10.43 14.33
C SER B 124 -22.15 10.87 13.01
N TRP B 125 -20.85 10.63 12.91
CA TRP B 125 -20.13 10.93 11.66
C TRP B 125 -20.76 10.20 10.48
N ARG B 126 -21.18 8.93 10.67
CA ARG B 126 -21.74 8.13 9.56
C ARG B 126 -23.02 8.77 9.04
N ASP B 127 -23.81 9.25 9.99
CA ASP B 127 -25.17 9.70 9.65
C ASP B 127 -25.28 11.17 9.32
N THR B 128 -24.19 11.90 9.54
CA THR B 128 -24.21 13.33 9.15
C THR B 128 -23.23 13.66 8.02
N ILE B 129 -22.35 12.73 7.62
CA ILE B 129 -21.33 13.04 6.63
C ILE B 129 -21.98 13.43 5.28
N LEU B 130 -23.10 12.83 4.94
CA LEU B 130 -23.70 13.23 3.66
C LEU B 130 -24.27 14.64 3.58
N TYR B 131 -24.52 15.30 4.72
CA TYR B 131 -25.18 16.61 4.58
C TYR B 131 -24.39 17.66 3.78
N GLU B 132 -23.06 17.69 3.97
CA GLU B 132 -22.28 18.85 3.53
C GLU B 132 -22.66 19.40 2.14
N THR B 133 -22.59 18.61 1.09
CA THR B 133 -22.79 19.21 -0.24
C THR B 133 -24.28 19.41 -0.51
N LEU B 134 -25.13 18.61 0.14
CA LEU B 134 -26.63 18.80 -0.02
C LEU B 134 -27.02 20.19 0.56
N VAL B 135 -26.52 20.47 1.76
CA VAL B 135 -26.83 21.73 2.43
C VAL B 135 -26.19 22.90 1.64
N MSE B 136 -24.92 22.78 1.25
CA MSE B 136 -24.31 23.84 0.39
C MSE B 136 -25.11 24.11 -0.89
O MSE B 136 -25.32 25.26 -1.28
CB MSE B 136 -22.86 23.36 0.16
CG MSE B 136 -22.17 23.51 1.50
SE MSE B 136 -20.25 22.99 1.17
CE MSE B 136 -19.65 24.57 0.16
N ALA B 137 -25.49 23.06 -1.62
CA ALA B 137 -26.18 23.27 -2.89
C ALA B 137 -27.58 23.83 -2.67
N ILE B 138 -28.19 23.47 -1.53
CA ILE B 138 -29.51 24.07 -1.15
C ILE B 138 -29.33 25.57 -0.92
N VAL B 139 -28.35 25.93 -0.08
CA VAL B 139 -28.15 27.34 0.28
C VAL B 139 -27.85 28.14 -1.04
N SER B 140 -26.95 27.60 -1.85
CA SER B 140 -26.59 28.27 -3.09
C SER B 140 -27.82 28.47 -3.99
N GLU B 141 -28.60 27.43 -4.17
CA GLU B 141 -29.69 27.54 -5.12
C GLU B 141 -30.89 28.35 -4.58
N VAL B 142 -31.14 28.25 -3.28
CA VAL B 142 -32.20 29.09 -2.68
C VAL B 142 -31.80 30.56 -2.89
N ARG B 143 -30.50 30.83 -2.74
CA ARG B 143 -30.04 32.22 -3.02
C ARG B 143 -30.21 32.65 -4.49
N SER B 144 -29.90 31.74 -5.43
CA SER B 144 -30.13 31.96 -6.84
C SER B 144 -31.64 32.24 -7.15
N ARG B 145 -32.52 31.39 -6.60
CA ARG B 145 -33.98 31.52 -6.87
C ARG B 145 -34.55 32.82 -6.36
N GLN B 146 -34.06 33.24 -5.19
CA GLN B 146 -34.67 34.39 -4.53
C GLN B 146 -34.08 35.73 -4.99
N ARG B 147 -32.81 35.71 -5.39
CA ARG B 147 -32.10 36.95 -5.74
C ARG B 147 -31.63 37.05 -7.20
N TRP B 148 -31.58 35.92 -7.90
CA TRP B 148 -31.08 35.92 -9.27
C TRP B 148 -32.00 35.23 -10.27
N ALA B 149 -33.30 35.34 -10.03
CA ALA B 149 -34.30 34.61 -10.80
C ALA B 149 -34.46 35.16 -12.23
N GLU B 150 -34.05 36.41 -12.42
CA GLU B 150 -34.23 37.12 -13.68
C GLU B 150 -32.98 36.99 -14.61
N VAL B 151 -31.97 36.25 -14.19
CA VAL B 151 -30.85 35.90 -15.10
C VAL B 151 -31.38 35.28 -16.43
N PRO B 152 -30.90 35.75 -17.60
CA PRO B 152 -31.37 35.13 -18.84
C PRO B 152 -31.07 33.65 -18.83
N ALA B 153 -32.07 32.84 -19.12
CA ALA B 153 -31.91 31.41 -18.87
C ALA B 153 -30.89 30.77 -19.83
N ASP B 154 -30.61 31.43 -20.96
CA ASP B 154 -29.59 30.97 -21.92
C ASP B 154 -28.14 31.30 -21.50
N LEU B 155 -27.97 32.15 -20.49
CA LEU B 155 -26.66 32.74 -20.19
C LEU B 155 -25.58 31.79 -19.62
N PRO B 156 -25.96 30.96 -18.61
CA PRO B 156 -25.01 29.97 -18.11
C PRO B 156 -24.37 29.17 -19.28
N LEU B 157 -25.20 28.61 -20.18
CA LEU B 157 -24.65 27.79 -21.29
C LEU B 157 -23.86 28.57 -22.34
N LYS B 158 -24.25 29.83 -22.59
CA LYS B 158 -23.56 30.67 -23.56
C LYS B 158 -22.16 30.99 -23.03
N VAL B 159 -22.06 31.31 -21.73
CA VAL B 159 -20.77 31.56 -21.06
C VAL B 159 -19.90 30.32 -21.19
N LEU B 160 -20.50 29.16 -20.89
CA LEU B 160 -19.75 27.90 -21.01
C LEU B 160 -19.33 27.60 -22.47
N LYS B 161 -20.26 27.77 -23.42
CA LYS B 161 -19.94 27.48 -24.84
C LYS B 161 -18.76 28.33 -25.32
N THR B 162 -18.77 29.60 -24.92
CA THR B 162 -17.67 30.49 -25.26
C THR B 162 -16.34 30.02 -24.71
N LYS B 163 -16.33 29.65 -23.43
CA LYS B 163 -15.11 29.16 -22.77
C LYS B 163 -14.56 27.92 -23.44
N LEU B 164 -15.44 27.00 -23.84
CA LEU B 164 -15.01 25.75 -24.40
C LEU B 164 -14.38 25.97 -25.79
N ASP B 165 -14.93 26.93 -26.53
CA ASP B 165 -14.37 27.31 -27.83
C ASP B 165 -12.95 27.82 -27.65
N GLN B 166 -12.77 28.72 -26.68
CA GLN B 166 -11.46 29.29 -26.37
C GLN B 166 -10.49 28.24 -25.89
N LEU B 167 -10.97 27.36 -25.01
CA LEU B 167 -10.19 26.23 -24.52
C LEU B 167 -9.65 25.38 -25.68
N LYS B 168 -10.54 25.02 -26.62
CA LYS B 168 -10.08 24.23 -27.75
C LYS B 168 -9.07 25.04 -28.60
N ALA B 169 -9.39 26.31 -28.87
CA ALA B 169 -8.49 27.17 -29.65
C ALA B 169 -7.09 27.22 -29.05
N GLU B 170 -7.00 27.35 -27.72
CA GLU B 170 -5.71 27.51 -27.05
C GLU B 170 -4.92 26.23 -27.00
N ILE B 171 -5.63 25.13 -26.73
CA ILE B 171 -5.00 23.81 -26.65
C ILE B 171 -4.39 23.50 -28.03
N GLU B 172 -5.15 23.81 -29.09
CA GLU B 172 -4.71 23.62 -30.47
C GLU B 172 -3.47 24.48 -30.75
N ARG B 173 -3.57 25.77 -30.44
CA ARG B 173 -2.48 26.71 -30.64
C ARG B 173 -1.22 26.29 -29.89
N ARG B 174 -1.38 25.85 -28.65
CA ARG B 174 -0.27 25.54 -27.77
C ARG B 174 0.23 24.11 -27.87
N GLY B 175 -0.47 23.27 -28.60
CA GLY B 175 -0.01 21.90 -28.82
C GLY B 175 -0.03 21.11 -27.54
N ILE B 176 -1.08 21.35 -26.75
CA ILE B 176 -1.26 20.72 -25.43
C ILE B 176 -1.95 19.39 -25.53
N ASN B 177 -1.34 18.36 -24.96
CA ASN B 177 -1.82 16.99 -25.12
C ASN B 177 -2.36 16.38 -23.84
N ASN B 178 -2.24 17.09 -22.73
CA ASN B 178 -2.57 16.51 -21.44
C ASN B 178 -3.64 17.21 -20.64
N PHE B 179 -4.55 17.92 -21.30
CA PHE B 179 -5.67 18.52 -20.56
C PHE B 179 -6.69 17.45 -20.20
N SER B 180 -7.09 17.42 -18.92
CA SER B 180 -8.11 16.53 -18.42
C SER B 180 -8.95 17.29 -17.36
N LEU B 181 -10.26 17.07 -17.36
CA LEU B 181 -11.13 17.84 -16.49
C LEU B 181 -11.93 16.88 -15.60
N THR B 182 -11.99 17.18 -14.32
CA THR B 182 -12.92 16.50 -13.42
C THR B 182 -13.93 17.51 -12.88
N GLU B 183 -15.19 17.36 -13.28
CA GLU B 183 -16.23 18.33 -12.83
C GLU B 183 -16.50 18.14 -11.33
N MSE B 184 -16.36 19.20 -10.53
CA MSE B 184 -16.46 19.12 -9.05
C MSE B 184 -17.34 20.26 -8.53
O MSE B 184 -17.13 20.78 -7.43
CB MSE B 184 -15.06 19.21 -8.37
CG MSE B 184 -14.35 17.88 -8.57
SE MSE B 184 -12.67 17.96 -7.51
CE MSE B 184 -12.04 16.22 -8.18
N GLY B 185 -18.31 20.70 -9.33
CA GLY B 185 -19.00 21.97 -8.99
C GLY B 185 -20.36 21.77 -8.32
N THR B 186 -20.58 20.61 -7.74
CA THR B 186 -21.89 20.36 -7.08
C THR B 186 -22.20 21.37 -5.94
N ARG B 187 -21.24 21.50 -5.02
CA ARG B 187 -21.44 22.19 -3.75
C ARG B 187 -21.68 23.65 -3.97
N ARG B 188 -21.22 24.20 -5.09
CA ARG B 188 -21.46 25.61 -5.25
C ARG B 188 -22.14 25.96 -6.56
N ARG B 189 -22.95 25.04 -7.07
CA ARG B 189 -23.64 25.32 -8.32
C ARG B 189 -24.66 26.46 -8.17
N PHE B 190 -24.87 27.15 -9.27
CA PHE B 190 -25.98 28.12 -9.35
C PHE B 190 -27.34 27.40 -9.08
N SER B 191 -27.52 26.22 -9.69
CA SER B 191 -28.70 25.39 -9.49
C SER B 191 -28.42 23.97 -9.99
N SER B 192 -29.25 23.02 -9.59
CA SER B 192 -29.11 21.66 -10.13
C SER B 192 -29.36 21.61 -11.63
N GLN B 193 -30.27 22.45 -12.15
CA GLN B 193 -30.53 22.50 -13.58
C GLN B 193 -29.34 23.06 -14.36
N VAL B 194 -28.68 24.08 -13.82
CA VAL B 194 -27.53 24.65 -14.47
C VAL B 194 -26.39 23.59 -14.51
N GLN B 195 -26.18 22.88 -13.41
CA GLN B 195 -25.13 21.85 -13.39
C GLN B 195 -25.44 20.74 -14.41
N ARG B 196 -26.70 20.29 -14.43
CA ARG B 196 -27.14 19.29 -15.39
C ARG B 196 -26.78 19.71 -16.82
N ASP B 197 -27.12 20.94 -17.17
CA ASP B 197 -26.86 21.45 -18.52
C ASP B 197 -25.38 21.60 -18.80
N VAL B 198 -24.62 21.98 -17.79
CA VAL B 198 -23.19 22.12 -17.91
C VAL B 198 -22.52 20.80 -18.20
N LEU B 199 -22.84 19.77 -17.44
CA LEU B 199 -22.30 18.42 -17.75
C LEU B 199 -22.79 17.92 -19.14
N ALA B 200 -24.04 18.23 -19.48
CA ALA B 200 -24.54 17.81 -20.81
C ALA B 200 -23.68 18.40 -21.91
N CYS B 201 -23.35 19.67 -21.74
CA CYS B 201 -22.58 20.41 -22.74
C CYS B 201 -21.12 19.91 -22.74
N LEU B 202 -20.52 19.72 -21.56
CA LEU B 202 -19.18 19.15 -21.50
C LEU B 202 -19.07 17.82 -22.24
N LYS B 203 -20.01 16.91 -21.97
CA LYS B 203 -20.07 15.60 -22.65
C LYS B 203 -20.17 15.75 -24.19
N GLN B 204 -20.93 16.74 -24.64
CA GLN B 204 -21.18 16.95 -26.06
C GLN B 204 -19.96 17.57 -26.74
N GLU B 205 -19.30 18.49 -26.06
CA GLU B 205 -18.21 19.28 -26.64
C GLU B 205 -16.79 18.70 -26.42
N ILE B 206 -16.49 18.22 -25.20
CA ILE B 206 -15.14 17.76 -24.92
C ILE B 206 -15.14 16.35 -24.28
N PRO B 207 -15.92 15.42 -24.84
CA PRO B 207 -16.12 14.18 -24.11
C PRO B 207 -14.81 13.51 -23.72
N GLN B 208 -13.83 13.49 -24.62
CA GLN B 208 -12.61 12.74 -24.28
C GLN B 208 -11.63 13.47 -23.39
N TRP B 209 -11.98 14.70 -22.97
CA TRP B 209 -11.11 15.36 -22.00
C TRP B 209 -11.69 15.31 -20.63
N VAL B 210 -12.92 14.78 -20.53
CA VAL B 210 -13.61 14.71 -19.25
C VAL B 210 -13.21 13.38 -18.58
N LEU B 211 -12.46 13.47 -17.50
CA LEU B 211 -12.10 12.30 -16.67
C LEU B 211 -13.39 11.72 -16.01
N GLY B 212 -14.21 12.62 -15.50
CA GLY B 212 -15.51 12.27 -14.93
C GLY B 212 -16.02 13.42 -14.10
N THR B 213 -16.94 13.10 -13.17
CA THR B 213 -17.59 14.09 -12.31
C THR B 213 -17.67 13.54 -10.90
N SER B 214 -17.58 14.44 -9.92
CA SER B 214 -17.71 14.01 -8.54
C SER B 214 -19.19 13.64 -8.18
N ASN B 215 -20.15 14.04 -9.01
CA ASN B 215 -21.56 13.93 -8.60
C ASN B 215 -22.05 12.54 -9.05
N TYR B 216 -22.46 11.66 -8.12
CA TYR B 216 -22.93 10.31 -8.54
C TYR B 216 -24.21 10.38 -9.36
N HIS B 217 -25.13 11.27 -8.98
CA HIS B 217 -26.40 11.34 -9.72
C HIS B 217 -26.18 11.70 -11.18
N PHE B 218 -25.28 12.65 -11.42
CA PHE B 218 -25.06 13.04 -12.84
C PHE B 218 -24.09 12.10 -13.51
N ALA B 219 -23.21 11.46 -12.75
CA ALA B 219 -22.38 10.40 -13.36
C ALA B 219 -23.31 9.29 -13.93
N ARG B 220 -24.34 8.92 -13.15
CA ARG B 220 -25.35 7.99 -13.63
C ARG B 220 -26.09 8.51 -14.84
N GLU B 221 -26.66 9.71 -14.74
CA GLU B 221 -27.42 10.29 -15.83
C GLU B 221 -26.67 10.37 -17.17
N PHE B 222 -25.40 10.78 -17.14
CA PHE B 222 -24.61 10.95 -18.38
C PHE B 222 -23.62 9.82 -18.65
N ASP B 223 -23.67 8.74 -17.84
CA ASP B 223 -22.74 7.66 -18.00
C ASP B 223 -21.28 8.17 -17.97
N LEU B 224 -20.96 9.00 -16.98
CA LEU B 224 -19.60 9.47 -16.79
C LEU B 224 -19.03 8.78 -15.57
N LYS B 225 -17.71 8.68 -15.51
CA LYS B 225 -17.07 8.03 -14.38
C LYS B 225 -17.22 8.92 -13.13
N PRO B 226 -17.73 8.34 -12.04
CA PRO B 226 -17.72 9.14 -10.80
C PRO B 226 -16.32 9.19 -10.19
N ILE B 227 -15.86 10.38 -9.81
CA ILE B 227 -14.51 10.55 -9.26
C ILE B 227 -14.54 11.07 -7.81
N GLY B 228 -13.84 10.38 -6.88
CA GLY B 228 -13.73 10.78 -5.47
C GLY B 228 -12.25 10.91 -5.05
N THR B 229 -11.91 12.00 -4.35
CA THR B 229 -10.63 12.09 -3.66
C THR B 229 -11.03 12.17 -2.20
N ILE B 230 -10.17 11.67 -1.33
CA ILE B 230 -10.40 11.74 0.14
C ILE B 230 -10.50 13.21 0.51
N ALA B 231 -11.40 13.57 1.43
CA ALA B 231 -11.49 15.00 1.85
C ALA B 231 -10.63 15.21 3.06
N HIS B 232 -10.32 16.47 3.38
CA HIS B 232 -9.55 16.77 4.59
C HIS B 232 -10.21 16.28 5.86
N GLU B 233 -11.55 16.28 5.90
CA GLU B 233 -12.19 15.84 7.17
C GLU B 233 -11.73 14.45 7.64
N TRP B 234 -11.37 13.55 6.71
CA TRP B 234 -10.94 12.21 7.06
C TRP B 234 -9.68 12.31 7.91
N PHE B 235 -8.75 13.16 7.45
CA PHE B 235 -7.47 13.35 8.20
C PHE B 235 -7.68 14.13 9.47
N MSE B 236 -8.59 15.11 9.40
CA MSE B 236 -8.91 15.95 10.58
C MSE B 236 -9.57 15.15 11.69
O MSE B 236 -9.14 15.24 12.87
CB MSE B 236 -9.86 17.09 10.15
CG MSE B 236 -9.07 18.13 9.36
SE MSE B 236 -10.42 19.27 8.41
CE MSE B 236 -10.90 20.36 9.95
N GLY B 237 -10.55 14.30 11.34
CA GLY B 237 -11.18 13.44 12.36
C GLY B 237 -10.15 12.60 13.16
N HIS B 238 -9.17 12.11 12.47
CA HIS B 238 -8.17 11.32 13.14
C HIS B 238 -7.39 12.05 14.20
N GLN B 239 -7.36 13.37 14.18
CA GLN B 239 -6.70 14.12 15.26
C GLN B 239 -7.37 13.95 16.60
N ALA B 240 -8.66 13.56 16.55
CA ALA B 240 -9.44 13.21 17.73
C ALA B 240 -9.38 11.70 18.08
N LEU B 241 -9.21 10.85 17.08
CA LEU B 241 -9.36 9.40 17.29
C LEU B 241 -8.03 8.72 17.72
N VAL B 242 -6.87 9.25 17.28
CA VAL B 242 -5.55 8.71 17.71
C VAL B 242 -4.68 9.88 18.23
N ASN B 243 -3.38 9.64 18.53
CA ASN B 243 -2.62 10.75 18.97
C ASN B 243 -2.47 11.69 17.81
N GLU B 244 -2.53 13.00 18.07
CA GLU B 244 -2.40 13.98 16.93
C GLU B 244 -1.25 13.68 15.98
N ARG B 245 -0.10 13.34 16.56
CA ARG B 245 1.08 13.15 15.71
C ARG B 245 0.92 11.96 14.73
N ASP B 246 0.08 10.98 15.08
CA ASP B 246 -0.13 9.77 14.24
C ASP B 246 -1.33 9.97 13.32
N SER B 247 -2.01 11.08 13.50
CA SER B 247 -3.35 11.20 12.85
C SER B 247 -3.31 11.06 11.31
N GLN B 248 -2.34 11.70 10.65
CA GLN B 248 -2.34 11.69 9.19
C GLN B 248 -1.90 10.31 8.67
N GLN B 249 -0.87 9.74 9.28
CA GLN B 249 -0.44 8.42 8.91
C GLN B 249 -1.52 7.35 9.08
N VAL B 250 -2.21 7.37 10.20
CA VAL B 250 -3.26 6.37 10.43
C VAL B 250 -4.38 6.60 9.39
N ALA B 251 -4.71 7.87 9.14
CA ALA B 251 -5.76 8.09 8.17
C ALA B 251 -5.34 7.55 6.79
N LEU B 252 -4.08 7.80 6.40
CA LEU B 252 -3.61 7.27 5.11
C LEU B 252 -3.68 5.74 5.04
N GLU B 253 -3.27 5.06 6.11
CA GLU B 253 -3.34 3.61 6.18
C GLU B 253 -4.77 3.05 6.13
N ARG B 254 -5.67 3.65 6.88
CA ARG B 254 -6.95 3.04 7.06
C ARG B 254 -7.85 3.32 5.83
N TRP B 255 -7.53 4.34 5.04
CA TRP B 255 -8.25 4.51 3.76
C TRP B 255 -7.96 3.30 2.91
N LEU B 256 -6.71 2.83 2.89
CA LEU B 256 -6.40 1.67 2.07
C LEU B 256 -7.09 0.40 2.57
N THR B 257 -7.22 0.25 3.88
CA THR B 257 -7.85 -0.95 4.41
C THR B 257 -9.35 -0.90 4.38
N ALA B 258 -9.93 0.27 4.07
CA ALA B 258 -11.39 0.41 4.00
C ALA B 258 -11.98 -0.05 2.69
N PHE B 259 -11.14 -0.13 1.67
CA PHE B 259 -11.57 -0.56 0.33
C PHE B 259 -10.49 -1.58 -0.20
N ASP B 260 -10.87 -2.58 -1.01
CA ASP B 260 -9.83 -3.44 -1.64
C ASP B 260 -8.98 -2.59 -2.61
N GLY B 261 -9.69 -1.76 -3.39
CA GLY B 261 -9.05 -1.08 -4.48
C GLY B 261 -9.69 0.23 -4.95
N MSE B 262 -10.39 0.92 -4.06
CA MSE B 262 -10.93 2.28 -4.30
C MSE B 262 -9.82 3.26 -4.62
O MSE B 262 -8.80 3.24 -4.02
CB MSE B 262 -11.65 2.76 -3.02
CG MSE B 262 -12.14 4.23 -2.80
SE MSE B 262 -13.69 4.37 -4.01
CE MSE B 262 -15.25 3.35 -3.20
N LEU B 263 -10.13 4.17 -5.52
CA LEU B 263 -9.26 5.24 -5.98
C LEU B 263 -8.73 5.90 -4.73
N ALA B 264 -7.41 5.96 -4.63
CA ALA B 264 -6.72 6.45 -3.49
C ALA B 264 -5.91 7.67 -3.95
N ILE B 265 -6.52 8.83 -3.80
CA ILE B 265 -5.84 10.10 -4.05
C ILE B 265 -5.91 10.88 -2.75
N ALA B 266 -4.74 11.10 -2.13
CA ALA B 266 -4.68 11.83 -0.85
C ALA B 266 -4.51 13.34 -1.00
N PRO B 267 -5.30 14.13 -0.27
CA PRO B 267 -4.98 15.58 -0.19
C PRO B 267 -3.72 15.75 0.66
N THR B 268 -2.84 16.67 0.30
CA THR B 268 -1.56 16.70 1.01
C THR B 268 -1.53 17.76 2.08
N ASP B 269 -2.59 18.60 2.15
CA ASP B 269 -2.49 19.83 2.94
C ASP B 269 -3.50 19.97 4.10
N THR B 270 -3.87 18.84 4.73
CA THR B 270 -4.53 18.98 6.02
C THR B 270 -3.60 19.72 6.98
N LEU B 271 -2.33 19.34 6.96
CA LEU B 271 -1.33 19.96 7.80
C LEU B 271 -0.45 20.82 6.89
N THR B 272 0.76 20.38 6.56
CA THR B 272 1.60 21.12 5.61
C THR B 272 2.28 20.16 4.65
N ILE B 273 2.86 20.66 3.57
CA ILE B 273 3.54 19.75 2.63
C ILE B 273 4.67 19.00 3.35
N ASP B 274 5.40 19.68 4.22
CA ASP B 274 6.51 18.98 4.88
C ASP B 274 6.00 17.89 5.81
N ALA B 275 4.93 18.15 6.56
CA ALA B 275 4.33 17.06 7.38
C ALA B 275 3.85 15.90 6.58
N PHE B 276 3.19 16.20 5.48
CA PHE B 276 2.73 15.15 4.57
C PHE B 276 3.88 14.29 4.05
N LEU B 277 4.96 14.91 3.59
CA LEU B 277 6.09 14.15 2.97
C LEU B 277 6.75 13.28 4.02
N ASN B 278 6.74 13.77 5.24
CA ASN B 278 7.27 13.00 6.36
C ASN B 278 6.43 11.79 6.68
N ASP B 279 5.14 11.81 6.35
CA ASP B 279 4.30 10.65 6.64
C ASP B 279 4.13 9.76 5.40
N PHE B 280 4.37 10.29 4.20
CA PHE B 280 4.10 9.61 2.93
C PHE B 280 5.29 8.71 2.56
N ASN B 281 5.43 7.61 3.31
CA ASN B 281 6.53 6.71 3.12
C ASN B 281 6.39 5.83 1.82
N ARG B 282 7.47 5.07 1.54
CA ARG B 282 7.55 4.38 0.25
C ARG B 282 6.36 3.46 0.00
N HIS B 283 5.92 2.75 1.03
CA HIS B 283 4.79 1.81 0.87
C HIS B 283 3.51 2.56 0.61
N LEU B 284 3.28 3.66 1.34
CA LEU B 284 2.09 4.47 1.06
C LEU B 284 2.15 5.15 -0.30
N ALA B 285 3.31 5.67 -0.67
CA ALA B 285 3.45 6.38 -1.94
C ALA B 285 3.25 5.44 -3.11
N ASN B 286 3.66 4.17 -2.97
CA ASN B 286 3.36 3.22 -4.01
C ASN B 286 1.87 2.80 -4.04
N ALA B 287 1.27 2.61 -2.87
CA ALA B 287 -0.14 2.19 -2.80
C ALA B 287 -1.08 3.26 -3.37
N TYR B 288 -0.86 4.49 -3.01
CA TYR B 288 -1.69 5.59 -3.50
C TYR B 288 -1.50 5.88 -4.96
N ASP B 289 -2.60 6.19 -5.62
CA ASP B 289 -2.59 6.43 -7.09
C ASP B 289 -2.03 7.85 -7.36
N GLY B 290 -2.05 8.67 -6.33
CA GLY B 290 -1.68 10.06 -6.48
C GLY B 290 -2.11 10.96 -5.33
N VAL B 291 -2.02 12.29 -5.57
CA VAL B 291 -2.23 13.29 -4.53
C VAL B 291 -2.96 14.50 -5.10
N ARG B 292 -3.59 15.24 -4.21
CA ARG B 292 -4.38 16.36 -4.61
C ARG B 292 -3.79 17.66 -4.03
N HIS B 293 -3.76 18.66 -4.86
CA HIS B 293 -3.28 19.99 -4.48
C HIS B 293 -4.44 20.89 -4.19
N ASP B 294 -4.43 21.52 -3.02
CA ASP B 294 -5.53 22.42 -2.69
C ASP B 294 -5.17 23.74 -1.97
N SER B 295 -3.88 24.06 -1.85
CA SER B 295 -3.50 25.34 -1.27
C SER B 295 -2.06 25.70 -1.68
N GLY B 296 -1.79 26.99 -1.72
CA GLY B 296 -0.44 27.48 -2.08
C GLY B 296 -0.12 27.23 -3.55
N CYS B 297 1.16 27.39 -3.91
CA CYS B 297 1.56 27.44 -5.30
C CYS B 297 1.55 26.01 -5.86
N PRO B 298 0.77 25.76 -6.92
CA PRO B 298 0.70 24.38 -7.49
C PRO B 298 2.00 23.96 -8.20
N PHE B 299 2.77 24.94 -8.73
CA PHE B 299 4.05 24.64 -9.41
C PHE B 299 5.07 24.10 -8.43
N ARG B 300 5.27 24.81 -7.33
CA ARG B 300 6.20 24.39 -6.26
C ARG B 300 5.72 23.09 -5.64
N TRP B 301 4.41 22.96 -5.46
CA TRP B 301 3.84 21.71 -4.87
C TRP B 301 4.15 20.51 -5.76
N GLY B 302 3.91 20.64 -7.06
CA GLY B 302 4.03 19.45 -7.93
C GLY B 302 5.50 19.07 -8.02
N ASP B 303 6.39 20.10 -8.10
CA ASP B 303 7.83 19.80 -8.11
C ASP B 303 8.28 19.09 -6.88
N LYS B 304 7.77 19.50 -5.69
CA LYS B 304 8.17 18.85 -4.42
C LYS B 304 7.63 17.40 -4.42
N MSE B 305 6.43 17.22 -4.96
CA MSE B 305 5.83 15.85 -4.98
C MSE B 305 6.62 14.96 -5.95
O MSE B 305 6.91 13.84 -5.63
CB MSE B 305 4.38 15.85 -5.46
CG MSE B 305 3.44 16.37 -4.39
SE MSE B 305 3.44 15.32 -2.72
CE MSE B 305 3.69 13.47 -3.35
N ILE B 306 6.97 15.48 -7.13
CA ILE B 306 7.78 14.73 -8.12
C ILE B 306 9.09 14.34 -7.49
N ALA B 307 9.74 15.29 -6.84
CA ALA B 307 11.01 15.00 -6.21
C ALA B 307 10.93 13.93 -5.11
N HIS B 308 9.80 13.92 -4.38
CA HIS B 308 9.55 12.94 -3.33
C HIS B 308 9.44 11.54 -3.93
N TYR B 309 8.66 11.44 -5.00
CA TYR B 309 8.51 10.17 -5.71
C TYR B 309 9.87 9.67 -6.21
N GLN B 310 10.64 10.55 -6.82
CA GLN B 310 11.96 10.17 -7.33
C GLN B 310 12.89 9.65 -6.26
N GLN B 311 12.95 10.35 -5.13
CA GLN B 311 13.77 9.98 -3.97
C GLN B 311 13.38 8.57 -3.52
N LEU B 312 12.11 8.21 -3.70
CA LEU B 312 11.61 6.89 -3.29
C LEU B 312 11.66 5.82 -4.38
N GLY B 313 12.23 6.15 -5.54
CA GLY B 313 12.39 5.20 -6.66
C GLY B 313 11.07 5.00 -7.38
N ILE B 314 10.11 5.90 -7.18
CA ILE B 314 8.81 5.79 -7.87
C ILE B 314 8.81 6.61 -9.13
N ASP B 315 8.31 6.03 -10.22
CA ASP B 315 8.17 6.78 -11.50
C ASP B 315 6.95 7.71 -11.41
N PRO B 316 7.18 9.04 -11.32
CA PRO B 316 6.03 9.93 -11.17
C PRO B 316 5.12 9.94 -12.37
N THR B 317 5.56 9.47 -13.54
CA THR B 317 4.65 9.42 -14.73
C THR B 317 3.54 8.39 -14.56
N THR B 318 3.70 7.52 -13.56
CA THR B 318 2.67 6.52 -13.18
C THR B 318 1.66 7.03 -12.13
N LYS B 319 1.90 8.24 -11.63
CA LYS B 319 1.06 8.85 -10.57
C LYS B 319 0.23 10.03 -11.08
N LEU B 320 -0.83 10.37 -10.35
CA LEU B 320 -1.77 11.40 -10.75
C LEU B 320 -1.78 12.53 -9.74
N PHE B 321 -1.65 13.75 -10.24
CA PHE B 321 -1.95 14.93 -9.47
C PHE B 321 -3.34 15.45 -9.84
N ILE B 322 -4.17 15.72 -8.83
CA ILE B 322 -5.44 16.41 -9.09
C ILE B 322 -5.25 17.81 -8.52
N PHE B 323 -5.45 18.82 -9.35
CA PHE B 323 -5.35 20.18 -8.87
C PHE B 323 -6.80 20.69 -8.67
N SER B 324 -7.10 21.30 -7.52
CA SER B 324 -8.50 21.67 -7.16
C SER B 324 -8.58 23.07 -6.51
N ASP B 325 -7.49 23.84 -6.49
CA ASP B 325 -7.53 25.12 -5.74
C ASP B 325 -8.09 26.27 -6.57
N GLY B 326 -9.41 26.32 -6.75
CA GLY B 326 -10.07 27.46 -7.40
C GLY B 326 -9.64 27.68 -8.84
N LEU B 327 -9.59 26.62 -9.62
CA LEU B 327 -9.05 26.75 -10.99
C LEU B 327 -9.97 27.37 -11.98
N ASP B 328 -9.39 27.99 -13.01
CA ASP B 328 -10.10 28.27 -14.25
C ASP B 328 -9.26 27.67 -15.38
N PHE B 329 -9.64 27.88 -16.64
CA PHE B 329 -8.98 27.09 -17.71
C PHE B 329 -7.60 27.66 -18.00
N ASP B 330 -7.48 28.97 -17.87
CA ASP B 330 -6.22 29.62 -18.11
C ASP B 330 -5.13 29.05 -17.21
N GLN B 331 -5.42 28.95 -15.91
CA GLN B 331 -4.49 28.41 -14.97
C GLN B 331 -4.24 26.91 -15.26
N ALA B 332 -5.32 26.20 -15.64
CA ALA B 332 -5.17 24.76 -15.98
C ALA B 332 -4.15 24.58 -17.14
N LEU B 333 -4.30 25.36 -18.21
CA LEU B 333 -3.36 25.28 -19.33
C LEU B 333 -1.85 25.56 -18.99
N GLU B 334 -1.61 26.55 -18.13
CA GLU B 334 -0.26 26.78 -17.61
C GLU B 334 0.26 25.53 -16.87
N LEU B 335 -0.56 24.92 -16.04
CA LEU B 335 -0.16 23.70 -15.41
C LEU B 335 0.05 22.53 -16.40
N CYS B 336 -0.81 22.41 -17.41
CA CYS B 336 -0.61 21.42 -18.52
C CYS B 336 0.80 21.51 -19.10
N GLU B 337 1.22 22.74 -19.40
CA GLU B 337 2.54 22.96 -20.01
C GLU B 337 3.68 22.67 -19.04
N TYR B 338 3.53 23.10 -17.80
CA TYR B 338 4.56 22.91 -16.82
C TYR B 338 4.81 21.47 -16.45
N PHE B 339 3.73 20.67 -16.38
CA PHE B 339 3.88 19.26 -15.96
C PHE B 339 3.83 18.21 -17.11
N ALA B 340 3.73 18.66 -18.38
CA ALA B 340 3.65 17.75 -19.56
C ALA B 340 4.86 16.81 -19.50
N GLY B 341 4.59 15.50 -19.62
CA GLY B 341 5.67 14.49 -19.68
C GLY B 341 6.22 14.10 -18.33
N ARG B 342 5.79 14.76 -17.25
CA ARG B 342 6.41 14.62 -15.93
C ARG B 342 5.63 13.77 -14.91
N VAL B 343 4.32 13.71 -15.10
CA VAL B 343 3.36 13.21 -14.11
C VAL B 343 2.00 13.23 -14.80
N LYS B 344 1.03 12.42 -14.33
CA LYS B 344 -0.33 12.45 -14.94
C LYS B 344 -1.12 13.57 -14.19
N ILE B 345 -1.97 14.34 -14.88
CA ILE B 345 -2.70 15.44 -14.18
C ILE B 345 -4.21 15.42 -14.54
N SER B 346 -5.04 15.92 -13.64
CA SER B 346 -6.38 16.31 -14.02
C SER B 346 -6.72 17.56 -13.16
N PHE B 347 -7.72 18.30 -13.58
CA PHE B 347 -8.09 19.55 -12.93
C PHE B 347 -9.48 19.39 -12.40
N GLY B 348 -9.61 19.56 -11.09
CA GLY B 348 -10.91 19.44 -10.42
C GLY B 348 -11.51 20.85 -10.31
N ILE B 349 -12.53 21.16 -11.11
CA ILE B 349 -12.99 22.49 -11.25
C ILE B 349 -14.46 22.53 -10.83
N GLY B 350 -14.81 23.56 -10.06
CA GLY B 350 -16.13 23.66 -9.43
C GLY B 350 -16.85 24.89 -9.95
N THR B 351 -16.72 25.98 -9.19
CA THR B 351 -17.45 27.23 -9.41
C THR B 351 -17.32 27.73 -10.86
N PHE B 352 -16.11 27.65 -11.41
CA PHE B 352 -15.85 28.20 -12.72
C PHE B 352 -16.68 27.47 -13.77
N LEU B 353 -17.05 26.23 -13.48
CA LEU B 353 -17.95 25.49 -14.34
C LEU B 353 -19.41 25.72 -13.99
N THR B 354 -19.79 25.47 -12.75
CA THR B 354 -21.22 25.40 -12.48
C THR B 354 -21.77 26.73 -11.94
N ASN B 355 -20.95 27.76 -11.73
CA ASN B 355 -21.54 29.00 -11.22
C ASN B 355 -20.81 30.23 -11.73
N ASP B 356 -20.88 30.43 -13.03
CA ASP B 356 -20.15 31.51 -13.67
C ASP B 356 -21.06 32.21 -14.63
N LEU B 357 -21.44 33.42 -14.25
CA LEU B 357 -22.33 34.21 -15.10
C LEU B 357 -21.57 35.34 -15.75
N ALA B 358 -20.23 35.20 -15.78
CA ALA B 358 -19.32 36.18 -16.40
C ALA B 358 -19.70 37.61 -15.98
N ASN B 359 -19.93 37.77 -14.67
CA ASN B 359 -20.17 39.09 -14.06
C ASN B 359 -21.47 39.82 -14.45
N TRP B 360 -22.43 39.10 -15.08
CA TRP B 360 -23.76 39.66 -15.38
C TRP B 360 -24.21 40.60 -14.28
N ARG B 361 -24.69 41.79 -14.67
CA ARG B 361 -25.21 42.81 -13.74
C ARG B 361 -26.75 42.80 -13.73
N ASN B 362 -27.34 42.76 -12.53
CA ASN B 362 -28.81 42.84 -12.38
C ASN B 362 -29.32 44.28 -12.61
N ALA B 363 -30.64 44.46 -12.62
CA ALA B 363 -31.24 45.78 -12.90
C ALA B 363 -30.73 46.92 -11.99
N ALA B 364 -30.25 46.60 -10.79
CA ALA B 364 -29.68 47.60 -9.90
C ALA B 364 -28.19 47.84 -10.14
N GLY B 365 -27.63 47.22 -11.17
CA GLY B 365 -26.18 47.37 -11.43
C GLY B 365 -25.24 46.48 -10.62
N VAL B 366 -25.78 45.63 -9.75
CA VAL B 366 -24.93 44.71 -8.98
C VAL B 366 -24.42 43.57 -9.87
N GLU B 367 -23.10 43.44 -9.97
CA GLU B 367 -22.47 42.31 -10.66
C GLU B 367 -22.65 40.99 -9.87
N TYR B 368 -23.08 39.95 -10.58
CA TYR B 368 -23.16 38.58 -10.06
C TYR B 368 -21.82 38.01 -9.57
N ARG B 369 -21.81 37.52 -8.33
CA ARG B 369 -20.78 36.65 -7.82
C ARG B 369 -21.47 35.44 -7.19
N PRO B 370 -20.83 34.27 -7.27
CA PRO B 370 -21.35 33.09 -6.57
C PRO B 370 -21.43 33.36 -5.04
N LEU B 371 -22.38 32.75 -4.36
CA LEU B 371 -22.50 32.96 -2.91
C LEU B 371 -21.30 32.28 -2.27
N SER B 372 -20.61 32.92 -1.32
CA SER B 372 -19.54 32.19 -0.64
C SER B 372 -20.03 31.47 0.64
N ILE B 373 -19.81 30.17 0.70
CA ILE B 373 -20.24 29.32 1.80
C ILE B 373 -19.05 28.45 2.18
N VAL B 374 -18.74 28.44 3.46
CA VAL B 374 -17.58 27.69 3.98
C VAL B 374 -18.13 26.67 4.96
N ILE B 375 -17.56 25.47 4.95
CA ILE B 375 -17.95 24.47 5.95
C ILE B 375 -16.67 23.95 6.56
N LYS B 376 -16.69 23.59 7.84
CA LYS B 376 -15.61 22.83 8.35
C LYS B 376 -16.09 21.76 9.31
N LEU B 377 -15.29 20.71 9.43
CA LEU B 377 -15.49 19.80 10.53
C LEU B 377 -14.90 20.48 11.76
N ALA B 378 -15.75 20.72 12.77
CA ALA B 378 -15.33 21.50 13.94
C ALA B 378 -14.81 20.63 15.07
N GLU B 379 -15.44 19.48 15.24
CA GLU B 379 -15.26 18.69 16.42
C GLU B 379 -15.54 17.21 16.11
N CYS B 380 -14.84 16.32 16.77
CA CYS B 380 -15.01 14.89 16.56
C CYS B 380 -14.83 14.26 17.93
N GLN B 381 -15.77 13.39 18.34
CA GLN B 381 -15.75 12.83 19.68
C GLN B 381 -15.65 13.91 20.77
N GLY B 382 -16.24 15.09 20.52
CA GLY B 382 -16.25 16.16 21.54
C GLY B 382 -14.91 16.88 21.70
N ARG B 383 -13.99 16.62 20.79
CA ARG B 383 -12.65 17.20 20.80
C ARG B 383 -12.44 18.05 19.54
N PRO B 384 -11.63 19.11 19.66
CA PRO B 384 -11.40 19.98 18.48
C PRO B 384 -10.57 19.26 17.44
N VAL B 385 -10.74 19.65 16.17
CA VAL B 385 -9.83 19.20 15.12
C VAL B 385 -9.47 20.44 14.28
N ALA B 386 -8.42 20.34 13.47
CA ALA B 386 -7.91 21.53 12.77
C ALA B 386 -7.41 21.19 11.39
N LYS B 387 -7.48 22.18 10.49
CA LYS B 387 -6.80 22.16 9.22
C LYS B 387 -5.82 23.35 9.21
N ILE B 388 -4.62 23.10 8.70
CA ILE B 388 -3.60 24.16 8.61
C ILE B 388 -3.46 24.60 7.16
N SER B 389 -2.98 23.70 6.29
CA SER B 389 -2.77 23.92 4.83
C SER B 389 -1.44 24.63 4.60
N ASP B 390 -1.11 24.78 3.33
CA ASP B 390 0.13 25.49 2.90
C ASP B 390 -0.06 27.00 2.78
N GLN B 391 -1.31 27.45 3.08
CA GLN B 391 -1.57 28.89 3.36
C GLN B 391 -1.98 29.04 4.83
N PRO B 392 -0.99 29.33 5.68
CA PRO B 392 -1.11 29.45 7.16
C PRO B 392 -2.32 30.27 7.60
N GLU B 393 -2.60 31.34 6.84
CA GLU B 393 -3.65 32.29 7.17
C GLU B 393 -5.02 31.68 7.00
N LYS B 394 -5.09 30.52 6.33
CA LYS B 394 -6.40 29.86 6.18
C LYS B 394 -6.62 28.74 7.22
N ALA B 395 -5.67 28.61 8.17
CA ALA B 395 -5.81 27.57 9.25
C ALA B 395 -7.18 27.75 9.92
N MSE B 396 -7.80 26.65 10.33
CA MSE B 396 -9.10 26.70 11.03
C MSE B 396 -9.10 25.77 12.22
O MSE B 396 -8.67 24.61 12.10
CB MSE B 396 -10.23 26.27 10.07
CG MSE B 396 -10.25 24.76 9.71
SE MSE B 396 -11.25 24.43 8.01
CE MSE B 396 -10.22 25.48 6.65
N CYS B 397 -9.52 26.32 13.37
CA CYS B 397 -9.75 25.54 14.60
C CYS B 397 -10.54 26.42 15.57
N GLU B 398 -11.50 25.84 16.30
CA GLU B 398 -12.20 26.62 17.34
C GLU B 398 -11.35 26.87 18.57
N ASP B 399 -10.22 26.15 18.68
CA ASP B 399 -9.48 26.15 19.92
C ASP B 399 -8.03 26.51 19.65
N PRO B 400 -7.65 27.76 19.94
CA PRO B 400 -6.33 28.18 19.47
C PRO B 400 -5.19 27.39 20.14
N ILE B 401 -5.42 26.92 21.36
CA ILE B 401 -4.36 26.08 22.05
C ILE B 401 -4.19 24.72 21.39
N PHE B 402 -5.31 24.11 21.01
CA PHE B 402 -5.24 22.85 20.25
C PHE B 402 -4.45 23.03 18.95
N LEU B 403 -4.75 24.11 18.20
CA LEU B 403 -4.07 24.33 16.92
C LEU B 403 -2.57 24.52 17.19
N ALA B 404 -2.25 25.25 18.28
CA ALA B 404 -0.81 25.53 18.53
C ALA B 404 -0.10 24.26 18.91
N ASN B 405 -0.78 23.43 19.72
CA ASN B 405 -0.22 22.12 20.06
C ASN B 405 0.02 21.24 18.84
N LEU B 406 -0.96 21.24 17.91
CA LEU B 406 -0.88 20.47 16.66
C LEU B 406 0.32 20.91 15.84
N LYS B 407 0.51 22.23 15.69
CA LYS B 407 1.66 22.77 14.97
C LYS B 407 2.97 22.26 15.60
N ARG B 408 3.07 22.35 16.91
CA ARG B 408 4.30 21.95 17.59
C ARG B 408 4.60 20.50 17.41
N ARG B 409 3.58 19.66 17.47
CA ARG B 409 3.84 18.22 17.26
C ARG B 409 4.36 17.90 15.87
N PHE B 410 3.98 18.67 14.85
CA PHE B 410 4.47 18.43 13.50
C PHE B 410 5.61 19.40 13.06
N ASN B 411 6.20 20.10 14.03
CA ASN B 411 7.30 21.04 13.74
C ASN B 411 6.87 22.06 12.69
N ILE B 412 5.61 22.49 12.75
CA ILE B 412 5.12 23.52 11.87
C ILE B 412 5.29 24.88 12.57
N GLU B 413 5.74 25.87 11.82
CA GLU B 413 6.09 27.18 12.40
C GLU B 413 4.90 27.74 13.20
N LEU B 414 5.18 28.12 14.43
CA LEU B 414 4.15 28.66 15.33
C LEU B 414 4.51 30.06 15.75
N ASP B 415 3.58 30.99 15.53
CA ASP B 415 3.77 32.34 15.98
C ASP B 415 3.23 32.48 17.45
N VAL B 416 4.12 32.38 18.43
CA VAL B 416 3.68 32.41 19.81
C VAL B 416 3.10 33.78 20.21
N ASP B 417 3.72 34.86 19.74
CA ASP B 417 3.12 36.18 20.04
C ASP B 417 1.65 36.27 19.55
N ALA B 418 1.37 35.70 18.38
CA ALA B 418 0.01 35.79 17.85
C ALA B 418 -0.95 34.90 18.72
N LEU B 419 -0.42 33.78 19.18
CA LEU B 419 -1.18 32.89 20.08
C LEU B 419 -1.54 33.60 21.39
N ILE B 420 -0.57 34.29 21.97
CA ILE B 420 -0.82 35.09 23.16
C ILE B 420 -1.94 36.13 22.90
N GLN B 421 -1.91 36.80 21.72
CA GLN B 421 -2.95 37.78 21.41
C GLN B 421 -4.34 37.09 21.32
N GLU B 422 -4.39 35.92 20.71
CA GLU B 422 -5.65 35.12 20.61
C GLU B 422 -6.17 34.76 21.97
N LEU B 423 -5.28 34.37 22.89
CA LEU B 423 -5.68 34.10 24.25
C LEU B 423 -6.20 35.34 24.98
N ARG B 424 -5.62 36.51 24.71
CA ARG B 424 -6.12 37.74 25.30
C ARG B 424 -7.49 38.17 24.80
N HIS B 425 -7.85 37.72 23.61
CA HIS B 425 -9.10 38.14 23.01
C HIS B 425 -10.14 37.07 22.83
N GLN B 426 -9.94 35.95 23.50
CA GLN B 426 -10.86 34.79 23.38
C GLN B 426 -12.31 35.15 23.76
S SO4 C . 17.98 -23.41 -4.65
O1 SO4 C . 18.50 -22.62 -5.83
O2 SO4 C . 18.89 -23.42 -3.44
O3 SO4 C . 16.60 -22.95 -4.39
O4 SO4 C . 17.97 -24.87 -4.92
S SO4 D . -13.61 25.57 -6.78
O1 SO4 D . -13.14 25.07 -8.14
O2 SO4 D . -12.47 25.38 -5.80
O3 SO4 D . -13.97 27.01 -6.84
O4 SO4 D . -14.92 24.97 -6.43
S SO4 E . -41.29 4.85 6.55
O1 SO4 E . -39.89 5.32 6.74
O2 SO4 E . -41.28 3.45 6.06
O3 SO4 E . -42.04 4.89 7.82
O4 SO4 E . -41.98 5.72 5.53
#